data_9JFJ
#
_entry.id   9JFJ
#
_cell.length_a   127.870
_cell.length_b   121.790
_cell.length_c   88.430
_cell.angle_alpha   90.000
_cell.angle_beta   126.044
_cell.angle_gamma   90.000
#
_symmetry.space_group_name_H-M   'C 1 2 1'
#
loop_
_entity.id
_entity.type
_entity.pdbx_description
1 polymer 'Sensor histidine kinase ZraS'
2 non-polymer 'MAGNESIUM ION'
3 non-polymer "ADENOSINE-5'-DIPHOSPHATE"
#
_entity_poly.entity_id   1
_entity_poly.type   'polypeptide(L)'
_entity_poly.pdbx_seq_one_letter_code
;SMAYLRSRQLLQDEMKRKEKLVALGHLAAGVAHEIRNPLSSIKGLAKYFAERAPAGGEAHQLAQVMAKEADRLNRVVSEL
LELVKPTHLALQAVDLNTLINHSLQLVSQDANSREIQLRFTANDTLPEIQADPDRLTQVLLNLYLNAIQAIGQHGVISVT
ASESGAGVKISVTDSGKGIAADQLDAIFTPYFTTKAEGTGLGLAVVHNIVEQHGGTIQVASQEGKGSTFTLWLPVNITRK
DPQG
;
_entity_poly.pdbx_strand_id   A,B,C,D
#
# COMPACT_ATOMS: atom_id res chain seq x y z
N SER A 7 45.37 -15.27 34.39
CA SER A 7 44.77 -14.57 33.22
C SER A 7 43.82 -15.50 32.46
N ARG A 8 44.20 -16.76 32.24
CA ARG A 8 43.37 -17.68 31.44
C ARG A 8 42.01 -17.84 32.10
N GLN A 9 41.99 -18.02 33.42
CA GLN A 9 40.74 -18.24 34.18
C GLN A 9 39.92 -16.94 34.20
N LEU A 10 40.59 -15.78 34.26
CA LEU A 10 39.85 -14.49 34.38
C LEU A 10 39.07 -14.25 33.10
N LEU A 11 39.68 -14.51 31.96
CA LEU A 11 38.96 -14.38 30.67
C LEU A 11 37.83 -15.41 30.62
N GLN A 12 38.12 -16.64 31.04
CA GLN A 12 37.07 -17.69 31.10
C GLN A 12 35.91 -17.13 31.92
N ASP A 13 36.21 -16.34 32.96
CA ASP A 13 35.16 -15.77 33.84
C ASP A 13 34.39 -14.69 33.09
N GLU A 14 35.08 -13.71 32.51
CA GLU A 14 34.31 -12.62 31.89
C GLU A 14 33.46 -13.24 30.80
N MET A 15 34.08 -14.25 30.10
CA MET A 15 33.33 -14.85 28.99
C MET A 15 32.06 -15.50 29.55
N LYS A 16 32.11 -16.10 30.70
CA LYS A 16 30.96 -16.75 31.36
C LYS A 16 29.91 -15.74 31.78
N ARG A 17 30.28 -14.61 32.35
CA ARG A 17 29.22 -13.64 32.68
C ARG A 17 28.52 -13.16 31.40
N LYS A 18 29.28 -12.88 30.35
CA LYS A 18 28.64 -12.37 29.13
C LYS A 18 27.72 -13.46 28.61
N GLU A 19 28.15 -14.70 28.72
CA GLU A 19 27.38 -15.84 28.17
C GLU A 19 26.07 -15.94 28.93
N LYS A 20 26.12 -15.77 30.23
CA LYS A 20 24.89 -15.85 31.05
C LYS A 20 23.95 -14.75 30.57
N LEU A 21 24.38 -13.54 30.28
CA LEU A 21 23.37 -12.52 29.86
C LEU A 21 22.74 -12.87 28.50
N VAL A 22 23.57 -13.25 27.54
CA VAL A 22 23.05 -13.55 26.17
C VAL A 22 22.11 -14.76 26.24
N ALA A 23 22.42 -15.72 27.08
CA ALA A 23 21.58 -16.92 27.23
C ALA A 23 20.23 -16.54 27.79
N LEU A 24 20.22 -15.63 28.76
CA LEU A 24 18.95 -15.19 29.36
C LEU A 24 18.17 -14.52 28.24
N GLY A 25 18.85 -13.74 27.40
CA GLY A 25 18.13 -13.15 26.26
C GLY A 25 17.52 -14.19 25.33
N HIS A 26 18.27 -15.25 25.06
CA HIS A 26 17.80 -16.32 24.16
C HIS A 26 16.59 -17.01 24.77
N LEU A 27 16.63 -17.27 26.05
CA LEU A 27 15.52 -17.98 26.70
C LEU A 27 14.30 -17.06 26.72
N ALA A 28 14.51 -15.76 26.90
CA ALA A 28 13.42 -14.79 26.91
C ALA A 28 12.75 -14.75 25.55
N ALA A 29 13.55 -14.80 24.50
CA ALA A 29 12.97 -14.84 23.14
C ALA A 29 12.11 -16.10 22.99
N GLY A 30 12.60 -17.23 23.48
CA GLY A 30 11.74 -18.41 23.38
C GLY A 30 10.42 -18.27 24.13
N VAL A 31 10.50 -17.71 25.32
CA VAL A 31 9.26 -17.61 26.11
C VAL A 31 8.28 -16.68 25.38
N ALA A 32 8.83 -15.62 24.78
CA ALA A 32 7.98 -14.69 24.02
C ALA A 32 7.31 -15.37 22.82
N HIS A 33 8.05 -16.27 22.17
CA HIS A 33 7.52 -17.00 21.01
C HIS A 33 6.39 -17.90 21.48
N GLU A 34 6.50 -18.44 22.67
CA GLU A 34 5.46 -19.33 23.20
C GLU A 34 4.24 -18.51 23.63
N ILE A 35 4.40 -17.25 24.07
CA ILE A 35 3.28 -16.32 24.38
C ILE A 35 2.53 -16.05 23.07
N ARG A 36 3.23 -15.90 21.96
CA ARG A 36 2.58 -15.67 20.65
C ARG A 36 1.61 -16.80 20.29
N ASN A 37 1.89 -18.03 20.70
CA ASN A 37 1.03 -19.14 20.27
C ASN A 37 -0.37 -19.09 20.88
N PRO A 38 -0.58 -19.02 22.22
CA PRO A 38 -1.91 -18.84 22.77
C PRO A 38 -2.58 -17.52 22.39
N LEU A 39 -1.80 -16.46 22.15
CA LEU A 39 -2.41 -15.20 21.72
C LEU A 39 -3.01 -15.39 20.33
N SER A 40 -2.27 -16.06 19.44
CA SER A 40 -2.78 -16.29 18.07
C SER A 40 -4.01 -17.19 18.13
N SER A 41 -3.98 -18.20 19.02
CA SER A 41 -5.16 -19.04 19.22
C SER A 41 -6.27 -18.12 19.70
N ILE A 42 -5.98 -17.29 20.69
CA ILE A 42 -7.11 -16.46 21.23
C ILE A 42 -7.65 -15.57 20.11
N LYS A 43 -6.77 -14.98 19.32
CA LYS A 43 -7.22 -14.05 18.25
C LYS A 43 -8.10 -14.80 17.27
N GLY A 44 -7.70 -15.99 16.87
CA GLY A 44 -8.61 -16.70 15.96
C GLY A 44 -9.92 -17.07 16.60
N LEU A 45 -9.91 -17.60 17.81
CA LEU A 45 -11.18 -18.10 18.39
C LEU A 45 -12.11 -16.93 18.73
N ALA A 46 -11.55 -15.79 19.08
CA ALA A 46 -12.37 -14.62 19.34
C ALA A 46 -13.01 -14.09 18.07
N LYS A 47 -12.35 -14.21 16.92
CA LYS A 47 -12.96 -13.83 15.62
C LYS A 47 -14.12 -14.77 15.28
N TYR A 48 -13.92 -16.07 15.45
CA TYR A 48 -15.01 -17.03 15.22
C TYR A 48 -16.17 -16.63 16.11
N PHE A 49 -15.92 -16.43 17.40
CA PHE A 49 -17.08 -16.16 18.24
C PHE A 49 -17.77 -14.85 17.85
N ALA A 50 -16.93 -13.84 17.53
CA ALA A 50 -17.52 -12.59 17.07
C ALA A 50 -18.38 -12.82 15.84
N GLU A 51 -17.90 -13.56 14.81
CA GLU A 51 -18.68 -13.82 13.61
C GLU A 51 -19.94 -14.60 13.91
N ARG A 52 -19.89 -15.57 14.81
CA ARG A 52 -21.10 -16.41 15.04
C ARG A 52 -22.07 -15.72 15.98
N ALA A 53 -21.60 -14.76 16.78
CA ALA A 53 -22.48 -14.18 17.78
C ALA A 53 -23.50 -13.25 17.13
N PRO A 54 -24.69 -13.12 17.75
CA PRO A 54 -25.68 -12.15 17.27
C PRO A 54 -25.15 -10.73 17.25
N ALA A 55 -25.16 -10.09 16.08
CA ALA A 55 -24.54 -8.79 15.92
C ALA A 55 -25.24 -7.73 16.76
N GLY A 56 -24.51 -6.66 17.06
CA GLY A 56 -25.04 -5.54 17.81
C GLY A 56 -25.04 -5.74 19.31
N GLY A 57 -25.07 -7.01 19.75
CA GLY A 57 -25.14 -7.31 21.16
C GLY A 57 -23.83 -7.02 21.88
N GLU A 58 -23.84 -7.31 23.18
CA GLU A 58 -22.63 -7.12 23.98
C GLU A 58 -21.59 -8.19 23.66
N ALA A 59 -22.04 -9.40 23.36
CA ALA A 59 -21.11 -10.48 23.01
C ALA A 59 -20.33 -10.14 21.76
N HIS A 60 -21.00 -9.61 20.73
CA HIS A 60 -20.32 -9.29 19.48
C HIS A 60 -19.30 -8.18 19.68
N GLN A 61 -19.67 -7.20 20.48
CA GLN A 61 -18.75 -6.06 20.65
C GLN A 61 -17.54 -6.57 21.43
N LEU A 62 -17.78 -7.34 22.48
CA LEU A 62 -16.69 -7.82 23.32
C LEU A 62 -15.76 -8.73 22.52
N ALA A 63 -16.32 -9.63 21.71
CA ALA A 63 -15.46 -10.51 20.92
C ALA A 63 -14.66 -9.73 19.90
N GLN A 64 -15.21 -8.68 19.33
CA GLN A 64 -14.41 -7.99 18.30
C GLN A 64 -13.30 -7.20 19.00
N VAL A 65 -13.63 -6.59 20.14
CA VAL A 65 -12.63 -5.79 20.87
C VAL A 65 -11.50 -6.71 21.33
N MET A 66 -11.86 -7.89 21.81
CA MET A 66 -10.84 -8.86 22.25
C MET A 66 -9.97 -9.32 21.08
N ALA A 67 -10.54 -9.52 19.90
CA ALA A 67 -9.73 -9.88 18.73
C ALA A 67 -8.76 -8.76 18.41
N LYS A 68 -9.25 -7.54 18.45
CA LYS A 68 -8.36 -6.43 18.08
C LYS A 68 -7.23 -6.39 19.11
N GLU A 69 -7.58 -6.62 20.36
CA GLU A 69 -6.57 -6.54 21.43
C GLU A 69 -5.56 -7.66 21.27
N ALA A 70 -5.98 -8.85 20.88
CA ALA A 70 -5.05 -9.97 20.65
C ALA A 70 -4.12 -9.65 19.48
N ASP A 71 -4.63 -9.03 18.44
CA ASP A 71 -3.70 -8.64 17.35
C ASP A 71 -2.69 -7.63 17.88
N ARG A 72 -3.16 -6.68 18.67
CA ARG A 72 -2.23 -5.63 19.14
C ARG A 72 -1.20 -6.34 19.99
N LEU A 73 -1.63 -7.30 20.77
CA LEU A 73 -0.72 -8.02 21.68
C LEU A 73 0.29 -8.84 20.90
N ASN A 74 -0.09 -9.47 19.81
CA ASN A 74 0.89 -10.19 18.98
C ASN A 74 1.90 -9.19 18.43
N ARG A 75 1.50 -8.04 18.06
CA ARG A 75 2.48 -7.11 17.50
C ARG A 75 3.40 -6.62 18.63
N VAL A 76 2.84 -6.46 19.81
CA VAL A 76 3.64 -6.01 20.97
C VAL A 76 4.66 -7.08 21.27
N VAL A 77 4.26 -8.35 21.28
CA VAL A 77 5.15 -9.47 21.61
C VAL A 77 6.25 -9.63 20.56
N SER A 78 5.91 -9.43 19.31
CA SER A 78 6.95 -9.52 18.25
C SER A 78 8.01 -8.45 18.47
N GLU A 79 7.57 -7.23 18.76
CA GLU A 79 8.56 -6.15 19.03
C GLU A 79 9.36 -6.43 20.31
N LEU A 80 8.70 -7.00 21.32
CA LEU A 80 9.39 -7.35 22.58
C LEU A 80 10.47 -8.37 22.26
N LEU A 81 10.18 -9.32 21.37
CA LEU A 81 11.15 -10.38 20.98
C LEU A 81 12.31 -9.68 20.30
N GLU A 82 11.99 -8.72 19.45
CA GLU A 82 13.07 -8.02 18.73
C GLU A 82 13.97 -7.35 19.76
N LEU A 83 13.37 -6.77 20.78
CA LEU A 83 14.15 -6.08 21.85
C LEU A 83 14.93 -7.05 22.75
N VAL A 84 14.36 -8.18 23.13
CA VAL A 84 14.99 -9.09 24.12
C VAL A 84 16.05 -9.96 23.46
N LYS A 85 16.01 -10.05 22.14
CA LYS A 85 16.95 -10.89 21.41
C LYS A 85 18.36 -10.34 21.60
N PRO A 86 19.40 -11.17 21.80
CA PRO A 86 20.77 -10.68 21.87
C PRO A 86 21.15 -9.92 20.60
N THR A 87 22.04 -8.96 20.77
CA THR A 87 22.50 -8.16 19.63
C THR A 87 23.13 -9.07 18.57
N HIS A 88 22.60 -9.01 17.35
CA HIS A 88 23.11 -9.85 16.24
C HIS A 88 23.04 -9.04 14.95
N LEU A 89 24.11 -8.31 14.61
CA LEU A 89 24.06 -7.43 13.43
C LEU A 89 24.87 -8.01 12.27
N ALA A 90 24.27 -8.10 11.09
CA ALA A 90 24.93 -8.57 9.87
C ALA A 90 25.45 -7.35 9.14
N LEU A 91 26.64 -6.89 9.54
CA LEU A 91 27.20 -5.67 8.99
C LEU A 91 27.50 -5.81 7.51
N GLN A 92 27.38 -4.68 6.80
CA GLN A 92 27.61 -4.64 5.36
C GLN A 92 27.81 -3.18 4.97
N ALA A 93 28.60 -2.97 3.91
CA ALA A 93 28.81 -1.64 3.37
C ALA A 93 27.64 -1.29 2.47
N VAL A 94 26.87 -0.27 2.84
CA VAL A 94 25.61 0.05 2.20
C VAL A 94 25.63 1.50 1.75
N ASP A 95 25.08 1.77 0.58
CA ASP A 95 24.85 3.13 0.15
C ASP A 95 23.49 3.56 0.70
N LEU A 96 23.46 4.69 1.40
CA LEU A 96 22.24 5.08 2.09
C LEU A 96 21.18 5.60 1.13
N ASN A 97 21.58 6.17 0.00
CA ASN A 97 20.61 6.68 -0.95
C ASN A 97 19.72 5.55 -1.46
N THR A 98 20.33 4.42 -1.84
CA THR A 98 19.57 3.29 -2.35
C THR A 98 18.63 2.72 -1.29
N LEU A 99 19.12 2.64 -0.06
CA LEU A 99 18.33 2.03 1.05
C LEU A 99 17.15 2.93 1.38
N ILE A 100 17.40 4.23 1.44
CA ILE A 100 16.35 5.19 1.72
C ILE A 100 15.31 5.18 0.61
N ASN A 101 15.76 5.14 -0.64
CA ASN A 101 14.82 5.08 -1.76
C ASN A 101 13.98 3.82 -1.69
N HIS A 102 14.59 2.69 -1.34
CA HIS A 102 13.83 1.44 -1.22
C HIS A 102 12.79 1.52 -0.12
N SER A 103 13.15 2.11 1.02
CA SER A 103 12.19 2.27 2.11
C SER A 103 11.04 3.20 1.70
N LEU A 104 11.37 4.30 1.02
CA LEU A 104 10.34 5.22 0.56
C LEU A 104 9.40 4.54 -0.42
N GLN A 105 9.95 3.72 -1.34
CA GLN A 105 9.11 2.96 -2.24
C GLN A 105 8.27 1.94 -1.49
N LEU A 106 8.78 1.40 -0.38
CA LEU A 106 8.00 0.46 0.42
C LEU A 106 6.79 1.15 1.03
N VAL A 107 6.89 2.44 1.36
CA VAL A 107 5.77 3.15 2.07
C VAL A 107 4.96 4.00 1.08
N SER A 108 5.35 4.00 -0.19
CA SER A 108 4.72 4.87 -1.21
C SER A 108 3.22 4.60 -1.34
N GLN A 109 2.81 3.36 -1.37
CA GLN A 109 1.39 3.10 -1.62
C GLN A 109 0.59 3.69 -0.48
N ASP A 110 1.01 3.43 0.75
CA ASP A 110 0.23 3.90 1.91
C ASP A 110 0.28 5.42 1.97
N ALA A 111 1.38 6.02 1.51
CA ALA A 111 1.44 7.50 1.49
C ALA A 111 0.44 8.07 0.50
N ASN A 112 0.42 7.50 -0.70
CA ASN A 112 -0.46 8.04 -1.76
C ASN A 112 -1.91 7.85 -1.33
N SER A 113 -2.20 6.72 -0.68
CA SER A 113 -3.58 6.45 -0.27
C SER A 113 -3.99 7.54 0.69
N ARG A 114 -3.04 8.01 1.49
CA ARG A 114 -3.42 8.99 2.53
C ARG A 114 -3.05 10.38 2.02
N GLU A 115 -2.60 10.44 0.77
CA GLU A 115 -2.28 11.76 0.22
C GLU A 115 -1.16 12.43 0.99
N ILE A 116 -0.01 11.78 1.07
CA ILE A 116 1.15 12.30 1.79
C ILE A 116 2.35 12.27 0.86
N GLN A 117 3.06 13.38 0.76
CA GLN A 117 4.14 13.55 -0.19
C GLN A 117 5.45 13.01 0.36
N LEU A 118 6.17 12.27 -0.45
CA LEU A 118 7.48 11.75 -0.10
C LEU A 118 8.55 12.61 -0.75
N ARG A 119 9.47 13.14 0.05
CA ARG A 119 10.52 14.01 -0.43
C ARG A 119 11.88 13.48 0.03
N PHE A 120 12.80 13.34 -0.92
CA PHE A 120 14.16 12.91 -0.62
C PHE A 120 15.05 13.21 -1.80
N THR A 121 16.16 13.92 -1.56
CA THR A 121 17.15 14.20 -2.59
C THR A 121 18.41 13.42 -2.29
N ALA A 122 18.99 12.84 -3.34
CA ALA A 122 20.17 11.96 -3.16
C ALA A 122 21.46 12.70 -3.42
N ASN A 123 22.48 12.44 -2.62
CA ASN A 123 23.81 13.04 -2.89
C ASN A 123 24.73 11.86 -3.20
N ASP A 124 25.12 11.68 -4.46
CA ASP A 124 26.01 10.57 -4.85
C ASP A 124 27.36 10.76 -4.15
N THR A 125 27.59 11.96 -3.58
CA THR A 125 28.83 12.22 -2.81
C THR A 125 28.73 11.49 -1.48
N LEU A 126 27.51 11.16 -1.06
CA LEU A 126 27.31 10.52 0.27
C LEU A 126 28.21 9.26 0.43
N PRO A 127 28.99 9.09 1.53
CA PRO A 127 29.85 7.94 1.68
C PRO A 127 29.11 6.71 2.22
N GLU A 128 29.59 5.51 1.88
CA GLU A 128 28.89 4.29 2.31
C GLU A 128 29.08 4.11 3.81
N ILE A 129 28.15 3.43 4.47
CA ILE A 129 28.23 3.24 5.94
C ILE A 129 28.29 1.74 6.25
N GLN A 130 28.96 1.35 7.33
CA GLN A 130 28.97 -0.07 7.77
C GLN A 130 27.74 -0.27 8.65
N ALA A 131 26.75 -1.02 8.17
CA ALA A 131 25.51 -1.20 8.90
C ALA A 131 24.78 -2.43 8.41
N ASP A 132 23.80 -2.88 9.20
CA ASP A 132 22.91 -3.96 8.80
C ASP A 132 21.74 -3.34 8.05
N PRO A 133 21.62 -3.55 6.74
CA PRO A 133 20.58 -2.84 5.97
C PRO A 133 19.17 -3.19 6.40
N ASP A 134 18.91 -4.43 6.80
CA ASP A 134 17.55 -4.82 7.17
C ASP A 134 17.10 -4.12 8.45
N ARG A 135 17.99 -3.98 9.44
CA ARG A 135 17.61 -3.28 10.66
C ARG A 135 17.43 -1.78 10.41
N LEU A 136 18.28 -1.19 9.57
CA LEU A 136 18.09 0.22 9.21
C LEU A 136 16.77 0.42 8.47
N THR A 137 16.37 -0.56 7.67
CA THR A 137 15.05 -0.45 7.01
C THR A 137 13.97 -0.48 8.09
N GLN A 138 14.07 -1.41 9.02
CA GLN A 138 13.04 -1.57 10.08
C GLN A 138 12.94 -0.27 10.86
N VAL A 139 14.05 0.46 10.92
CA VAL A 139 14.02 1.73 11.71
C VAL A 139 13.35 2.82 10.88
N LEU A 140 13.79 2.95 9.64
CA LEU A 140 13.26 4.02 8.77
C LEU A 140 11.77 3.77 8.60
N LEU A 141 11.37 2.53 8.43
CA LEU A 141 9.94 2.23 8.21
C LEU A 141 9.15 2.59 9.46
N ASN A 142 9.66 2.30 10.63
CA ASN A 142 8.95 2.61 11.89
C ASN A 142 8.76 4.12 11.96
N LEU A 143 9.83 4.86 11.65
CA LEU A 143 9.70 6.33 11.73
C LEU A 143 8.66 6.79 10.71
N TYR A 144 8.68 6.23 9.51
CA TYR A 144 7.77 6.65 8.43
C TYR A 144 6.35 6.33 8.84
N LEU A 145 6.12 5.18 9.44
CA LEU A 145 4.76 4.76 9.84
C LEU A 145 4.27 5.71 10.91
N ASN A 146 5.14 6.08 11.83
CA ASN A 146 4.75 6.99 12.92
C ASN A 146 4.33 8.31 12.28
N ALA A 147 5.12 8.76 11.34
CA ALA A 147 4.82 10.06 10.71
C ALA A 147 3.48 9.97 10.00
N ILE A 148 3.25 8.87 9.28
CA ILE A 148 2.01 8.75 8.48
C ILE A 148 0.86 8.75 9.48
N GLN A 149 0.96 8.00 10.55
CA GLN A 149 -0.20 7.90 11.45
C GLN A 149 -0.49 9.31 11.96
N ALA A 150 0.54 10.04 12.34
CA ALA A 150 0.38 11.40 12.89
C ALA A 150 -0.23 12.40 11.91
N ILE A 151 0.26 12.46 10.68
CA ILE A 151 -0.34 13.34 9.63
C ILE A 151 -1.78 12.91 9.34
N GLY A 152 -2.06 11.60 9.28
CA GLY A 152 -3.44 11.10 9.08
C GLY A 152 -3.91 11.23 7.66
N GLN A 153 -3.70 12.39 7.03
CA GLN A 153 -3.99 12.71 5.64
C GLN A 153 -3.41 14.08 5.33
N HIS A 154 -3.14 14.32 4.05
CA HIS A 154 -2.77 15.64 3.53
C HIS A 154 -1.52 16.17 4.24
N GLY A 155 -0.42 15.46 4.01
CA GLY A 155 0.84 15.85 4.61
C GLY A 155 2.03 15.71 3.69
N VAL A 156 3.23 15.64 4.28
CA VAL A 156 4.48 15.58 3.54
C VAL A 156 5.56 15.07 4.48
N ILE A 157 6.42 14.19 3.96
CA ILE A 157 7.54 13.63 4.71
C ILE A 157 8.82 13.99 3.97
N SER A 158 9.75 14.62 4.67
CA SER A 158 11.02 15.04 4.09
C SER A 158 12.15 14.25 4.72
N VAL A 159 12.90 13.52 3.92
CA VAL A 159 14.04 12.74 4.39
C VAL A 159 15.29 13.30 3.75
N THR A 160 16.31 13.58 4.57
CA THR A 160 17.58 14.02 4.03
C THR A 160 18.72 13.31 4.74
N ALA A 161 19.86 13.24 4.05
CA ALA A 161 21.06 12.58 4.56
C ALA A 161 22.25 13.50 4.32
N SER A 162 23.10 13.65 5.34
CA SER A 162 24.23 14.57 5.26
C SER A 162 25.39 14.01 6.07
N GLU A 163 26.58 14.56 5.81
CA GLU A 163 27.80 14.12 6.46
C GLU A 163 28.03 14.94 7.73
N SER A 164 28.06 14.27 8.88
CA SER A 164 28.34 14.91 10.16
C SER A 164 29.63 14.32 10.71
N GLY A 165 30.68 15.15 10.74
CA GLY A 165 31.97 14.70 11.21
C GLY A 165 32.41 13.45 10.49
N ALA A 166 32.41 12.32 11.19
CA ALA A 166 32.68 11.04 10.56
C ALA A 166 31.43 10.46 9.93
N GLY A 167 30.36 10.32 10.71
CA GLY A 167 29.18 9.58 10.28
C GLY A 167 28.25 10.40 9.43
N VAL A 168 27.00 9.93 9.35
CA VAL A 168 25.96 10.59 8.57
C VAL A 168 24.72 10.79 9.42
N LYS A 169 24.00 11.85 9.07
CA LYS A 169 22.75 12.20 9.77
C LYS A 169 21.58 12.04 8.81
N ILE A 170 20.69 11.11 9.08
CA ILE A 170 19.46 10.95 8.31
C ILE A 170 18.35 11.56 9.15
N SER A 171 17.73 12.61 8.64
CA SER A 171 16.64 13.27 9.34
C SER A 171 15.35 13.10 8.56
N VAL A 172 14.31 12.68 9.28
CA VAL A 172 12.98 12.43 8.74
C VAL A 172 12.05 13.41 9.43
N THR A 173 11.47 14.32 8.65
CA THR A 173 10.61 15.37 9.18
C THR A 173 9.19 15.15 8.67
N ASP A 174 8.24 15.25 9.59
CA ASP A 174 6.81 15.10 9.26
C ASP A 174 6.09 16.45 9.46
N SER A 175 4.81 16.53 9.12
CA SER A 175 4.00 17.77 9.25
C SER A 175 2.79 17.47 10.10
N GLY A 176 2.90 16.52 11.01
CA GLY A 176 1.73 16.06 11.77
C GLY A 176 1.47 16.76 13.06
N LYS A 177 0.76 16.10 13.96
CA LYS A 177 0.29 16.77 15.16
C LYS A 177 1.40 17.19 16.10
N GLY A 178 2.60 16.61 15.96
CA GLY A 178 3.69 16.93 16.85
C GLY A 178 3.52 16.27 18.21
N ILE A 179 4.47 16.57 19.10
CA ILE A 179 4.45 16.05 20.46
C ILE A 179 4.67 17.20 21.44
N ALA A 180 3.93 17.17 22.54
CA ALA A 180 4.13 18.15 23.60
C ALA A 180 5.47 17.92 24.29
N ALA A 181 6.03 19.00 24.83
CA ALA A 181 7.31 18.90 25.52
C ALA A 181 7.22 18.01 26.76
N ASP A 182 6.04 17.93 27.37
CA ASP A 182 5.87 17.02 28.51
C ASP A 182 6.02 15.57 28.09
N GLN A 183 5.46 15.21 26.94
CA GLN A 183 5.58 13.86 26.41
C GLN A 183 6.86 13.67 25.58
N LEU A 184 7.64 14.73 25.41
CA LEU A 184 8.83 14.67 24.57
C LEU A 184 9.92 13.76 25.11
N ASP A 185 9.76 13.24 26.33
CA ASP A 185 10.74 12.32 26.91
C ASP A 185 10.23 10.90 27.06
N ALA A 186 8.95 10.71 27.33
CA ALA A 186 8.36 9.37 27.39
C ALA A 186 8.12 8.79 25.99
N ILE A 187 8.40 9.56 24.94
CA ILE A 187 8.16 9.12 23.58
C ILE A 187 8.97 7.89 23.22
N PHE A 188 10.16 7.74 23.78
CA PHE A 188 11.00 6.57 23.47
C PHE A 188 10.82 5.52 24.55
N THR A 189 10.00 5.81 25.56
CA THR A 189 9.83 4.87 26.65
C THR A 189 9.03 3.65 26.17
N PRO A 190 9.48 2.44 26.52
CA PRO A 190 8.73 1.25 26.12
C PRO A 190 7.31 1.24 26.65
N TYR A 191 6.40 0.74 25.81
CA TYR A 191 4.99 0.51 26.12
C TYR A 191 4.18 1.79 26.23
N PHE A 192 4.72 2.92 25.78
CA PHE A 192 4.02 4.20 25.83
C PHE A 192 3.46 4.51 24.45
N THR A 193 2.14 4.68 24.37
CA THR A 193 1.52 5.03 23.11
C THR A 193 0.29 5.88 23.36
N THR A 194 0.01 6.76 22.39
CA THR A 194 -1.19 7.60 22.42
C THR A 194 -2.22 6.99 21.45
N LYS A 195 -2.02 5.75 20.99
CA LYS A 195 -2.91 5.15 19.99
C LYS A 195 -3.56 3.89 20.55
N ALA A 196 -4.84 3.69 20.29
CA ALA A 196 -5.57 2.53 20.83
C ALA A 196 -5.12 1.24 20.16
N GLU A 197 -4.54 1.35 18.99
CA GLU A 197 -4.05 0.18 18.23
C GLU A 197 -2.55 0.33 18.08
N GLY A 198 -1.91 0.88 19.11
CA GLY A 198 -0.46 1.12 19.04
C GLY A 198 0.32 0.22 19.96
N THR A 199 1.55 -0.06 19.55
CA THR A 199 2.47 -0.84 20.40
C THR A 199 3.45 0.21 20.83
N GLY A 200 3.67 0.40 22.11
CA GLY A 200 4.60 1.48 22.44
C GLY A 200 6.02 0.99 22.40
N LEU A 201 6.40 0.35 21.32
CA LEU A 201 7.73 -0.30 21.32
C LEU A 201 8.38 -0.07 19.98
N GLY A 202 7.72 0.70 19.12
CA GLY A 202 8.36 0.98 17.85
C GLY A 202 9.58 1.86 17.99
N LEU A 203 9.47 2.94 18.77
CA LEU A 203 10.62 3.78 18.99
C LEU A 203 11.61 3.14 19.96
N ALA A 204 11.15 2.22 20.81
CA ALA A 204 12.08 1.41 21.59
C ALA A 204 12.95 0.55 20.67
N VAL A 205 12.33 -0.08 19.68
CA VAL A 205 13.09 -0.85 18.69
C VAL A 205 14.03 0.05 17.91
N VAL A 206 13.55 1.23 17.52
CA VAL A 206 14.40 2.17 16.79
C VAL A 206 15.64 2.52 17.61
N HIS A 207 15.43 2.82 18.90
CA HIS A 207 16.53 3.18 19.78
C HIS A 207 17.49 2.02 19.96
N ASN A 208 16.96 0.81 20.15
CA ASN A 208 17.83 -0.36 20.32
C ASN A 208 18.69 -0.59 19.08
N ILE A 209 18.10 -0.50 17.90
CA ILE A 209 18.85 -0.75 16.67
C ILE A 209 19.90 0.33 16.47
N VAL A 210 19.56 1.59 16.74
CA VAL A 210 20.55 2.65 16.54
C VAL A 210 21.63 2.59 17.62
N GLU A 211 21.31 2.02 18.78
CA GLU A 211 22.31 1.81 19.81
C GLU A 211 23.29 0.72 19.40
N GLN A 212 22.77 -0.39 18.88
CA GLN A 212 23.63 -1.47 18.40
C GLN A 212 24.56 -0.98 17.30
N HIS A 213 24.14 0.02 16.54
CA HIS A 213 24.95 0.61 15.48
C HIS A 213 25.89 1.69 15.98
N GLY A 214 25.83 2.03 17.27
CA GLY A 214 26.69 3.09 17.78
C GLY A 214 26.29 4.48 17.38
N GLY A 215 25.02 4.72 17.04
CA GLY A 215 24.54 6.01 16.65
C GLY A 215 23.55 6.59 17.66
N THR A 216 22.95 7.71 17.27
CA THR A 216 22.06 8.44 18.17
C THR A 216 20.75 8.76 17.47
N ILE A 217 19.68 8.76 18.25
CA ILE A 217 18.35 9.22 17.83
C ILE A 217 17.94 10.41 18.68
N GLN A 218 17.58 11.50 18.02
CA GLN A 218 17.07 12.68 18.72
C GLN A 218 15.85 13.18 17.97
N VAL A 219 15.01 13.95 18.67
CA VAL A 219 13.75 14.40 18.12
C VAL A 219 13.50 15.85 18.51
N ALA A 220 13.07 16.65 17.53
CA ALA A 220 12.68 18.04 17.75
C ALA A 220 11.28 18.25 17.20
N SER A 221 10.35 18.64 18.07
CA SER A 221 8.95 18.73 17.68
C SER A 221 8.31 20.00 18.19
N GLN A 222 7.46 20.61 17.35
CA GLN A 222 6.60 21.72 17.74
C GLN A 222 5.16 21.31 17.48
N GLU A 223 4.38 21.21 18.56
CA GLU A 223 3.04 20.65 18.49
C GLU A 223 2.21 21.38 17.44
N GLY A 224 1.62 20.61 16.53
CA GLY A 224 0.87 21.16 15.42
C GLY A 224 1.72 21.50 14.22
N LYS A 225 2.90 22.08 14.45
CA LYS A 225 3.80 22.40 13.34
C LYS A 225 4.39 21.15 12.73
N GLY A 226 4.90 20.24 13.54
CA GLY A 226 5.47 19.01 13.04
C GLY A 226 6.68 18.59 13.85
N SER A 227 7.25 17.47 13.44
CA SER A 227 8.34 16.84 14.17
C SER A 227 9.47 16.45 13.22
N THR A 228 10.66 16.30 13.78
CA THR A 228 11.84 15.89 13.02
C THR A 228 12.65 14.91 13.86
N PHE A 229 12.88 13.73 13.30
CA PHE A 229 13.69 12.69 13.98
C PHE A 229 15.03 12.63 13.25
N THR A 230 16.09 12.85 14.03
CA THR A 230 17.45 12.87 13.45
C THR A 230 18.25 11.66 13.92
N LEU A 231 18.94 11.02 13.00
CA LEU A 231 19.69 9.79 13.23
C LEU A 231 21.14 10.05 12.88
N TRP A 232 22.04 9.74 13.82
CA TRP A 232 23.46 9.77 13.55
C TRP A 232 23.98 8.34 13.52
N LEU A 233 24.56 7.94 12.39
CA LEU A 233 25.07 6.60 12.19
C LEU A 233 26.54 6.70 11.79
N PRO A 234 27.41 5.94 12.43
CA PRO A 234 28.85 6.10 12.18
C PRO A 234 29.25 5.52 10.84
N VAL A 235 30.20 6.20 10.18
CA VAL A 235 30.73 5.70 8.93
C VAL A 235 31.48 4.40 9.15
N ASN A 236 32.12 4.28 10.32
CA ASN A 236 32.86 3.04 10.67
C ASN A 236 32.29 2.55 11.98
N ILE A 237 31.89 1.29 12.07
CA ILE A 237 31.18 0.83 13.30
C ILE A 237 32.13 0.93 14.48
N THR A 238 33.42 0.95 14.21
CA THR A 238 34.42 0.93 15.30
C THR A 238 35.21 2.24 15.29
N GLN B 9 37.79 -1.19 32.76
CA GLN B 9 36.50 -0.97 32.07
C GLN B 9 35.71 -2.29 32.04
N LEU B 10 36.25 -3.34 32.64
CA LEU B 10 35.47 -4.61 32.75
C LEU B 10 34.34 -4.32 33.74
N LEU B 11 34.56 -3.35 34.63
CA LEU B 11 33.54 -2.91 35.61
C LEU B 11 32.41 -2.26 34.83
N GLN B 12 32.76 -1.48 33.83
CA GLN B 12 31.72 -0.76 33.04
C GLN B 12 30.83 -1.81 32.38
N ASP B 13 31.43 -2.87 31.86
CA ASP B 13 30.66 -3.95 31.22
C ASP B 13 29.72 -4.58 32.24
N GLU B 14 30.21 -4.86 33.43
CA GLU B 14 29.34 -5.54 34.42
C GLU B 14 28.19 -4.59 34.75
N MET B 15 28.47 -3.30 34.83
CA MET B 15 27.38 -2.31 35.08
C MET B 15 26.34 -2.42 33.97
N LYS B 16 26.78 -2.35 32.72
CA LYS B 16 25.89 -2.40 31.54
C LYS B 16 25.02 -3.66 31.58
N ARG B 17 25.59 -4.80 31.98
CA ARG B 17 24.83 -6.07 32.05
C ARG B 17 23.73 -5.92 33.07
N LYS B 18 24.05 -5.29 34.19
CA LYS B 18 23.03 -5.13 35.25
C LYS B 18 21.92 -4.24 34.71
N GLU B 19 22.33 -3.22 33.97
CA GLU B 19 21.32 -2.32 33.38
C GLU B 19 20.41 -3.12 32.45
N LYS B 20 21.00 -4.00 31.63
CA LYS B 20 20.21 -4.82 30.68
C LYS B 20 19.26 -5.77 31.42
N LEU B 21 19.71 -6.38 32.51
CA LEU B 21 18.77 -7.23 33.28
C LEU B 21 17.62 -6.40 33.82
N VAL B 22 17.90 -5.19 34.31
CA VAL B 22 16.81 -4.37 34.89
C VAL B 22 15.84 -4.04 33.76
N ALA B 23 16.39 -3.75 32.60
CA ALA B 23 15.55 -3.40 31.45
C ALA B 23 14.65 -4.57 31.07
N LEU B 24 15.20 -5.78 31.09
CA LEU B 24 14.41 -6.96 30.70
C LEU B 24 13.31 -7.15 31.72
N GLY B 25 13.58 -6.84 32.98
CA GLY B 25 12.51 -6.95 33.99
C GLY B 25 11.38 -6.00 33.69
N HIS B 26 11.72 -4.76 33.36
CA HIS B 26 10.69 -3.75 33.05
C HIS B 26 9.91 -4.17 31.82
N LEU B 27 10.62 -4.62 30.79
CA LEU B 27 9.91 -4.97 29.56
C LEU B 27 8.95 -6.10 29.91
N ALA B 28 9.40 -7.05 30.69
CA ALA B 28 8.53 -8.21 30.98
C ALA B 28 7.31 -7.79 31.77
N ALA B 29 7.50 -6.93 32.76
CA ALA B 29 6.37 -6.53 33.60
C ALA B 29 5.37 -5.78 32.74
N GLY B 30 5.89 -4.96 31.84
CA GLY B 30 4.98 -4.27 30.93
C GLY B 30 4.19 -5.23 30.07
N VAL B 31 4.83 -6.18 29.40
CA VAL B 31 4.03 -7.06 28.52
C VAL B 31 3.04 -7.82 29.38
N ALA B 32 3.38 -8.05 30.64
CA ALA B 32 2.52 -8.90 31.48
C ALA B 32 1.27 -8.13 31.82
N HIS B 33 1.45 -6.87 32.14
CA HIS B 33 0.29 -6.03 32.40
C HIS B 33 -0.60 -5.94 31.18
N GLU B 34 -0.01 -5.61 30.02
CA GLU B 34 -0.79 -5.47 28.81
C GLU B 34 -1.53 -6.75 28.45
N ILE B 35 -0.90 -7.90 28.69
CA ILE B 35 -1.55 -9.18 28.33
C ILE B 35 -2.60 -9.51 29.38
N ARG B 36 -2.35 -9.16 30.65
CA ARG B 36 -3.24 -9.65 31.74
C ARG B 36 -4.58 -8.90 31.83
N ASN B 37 -4.65 -7.63 31.48
CA ASN B 37 -5.96 -6.97 31.64
C ASN B 37 -7.03 -7.60 30.73
N PRO B 38 -6.78 -7.86 29.44
CA PRO B 38 -7.75 -8.56 28.61
C PRO B 38 -8.01 -10.01 29.05
N LEU B 39 -7.00 -10.70 29.57
CA LEU B 39 -7.15 -12.14 29.87
C LEU B 39 -8.42 -12.38 30.65
N SER B 40 -8.57 -11.65 31.74
CA SER B 40 -9.79 -12.00 32.54
C SER B 40 -11.05 -11.76 31.71
N SER B 41 -11.07 -10.66 30.95
CA SER B 41 -12.33 -10.49 30.19
C SER B 41 -12.58 -11.62 29.17
N ILE B 42 -11.54 -12.11 28.49
CA ILE B 42 -11.65 -13.19 27.49
C ILE B 42 -12.16 -14.45 28.19
N LYS B 43 -11.69 -14.68 29.38
CA LYS B 43 -12.11 -15.94 30.03
C LYS B 43 -13.58 -15.81 30.36
N GLY B 44 -14.01 -14.62 30.77
CA GLY B 44 -15.46 -14.51 30.99
C GLY B 44 -16.31 -14.67 29.73
N LEU B 45 -15.92 -14.06 28.63
CA LEU B 45 -16.61 -14.16 27.33
C LEU B 45 -16.65 -15.64 26.95
N ALA B 46 -15.53 -16.33 27.08
CA ALA B 46 -15.50 -17.77 26.80
C ALA B 46 -16.58 -18.42 27.66
N LYS B 47 -16.61 -18.08 28.94
CA LYS B 47 -17.58 -18.76 29.82
C LYS B 47 -19.00 -18.40 29.37
N TYR B 48 -19.25 -17.12 29.06
CA TYR B 48 -20.63 -16.85 28.62
C TYR B 48 -20.94 -17.64 27.35
N PHE B 49 -20.05 -17.63 26.36
CA PHE B 49 -20.43 -18.29 25.08
C PHE B 49 -20.67 -19.77 25.36
N ALA B 50 -19.86 -20.36 26.22
CA ALA B 50 -19.98 -21.80 26.50
C ALA B 50 -21.28 -22.14 27.19
N GLU B 51 -21.68 -21.35 28.18
CA GLU B 51 -22.97 -21.62 28.84
C GLU B 51 -24.07 -21.43 27.79
N ARG B 52 -23.96 -20.44 26.93
CA ARG B 52 -25.07 -20.18 25.97
C ARG B 52 -25.17 -21.30 24.95
N ALA B 53 -24.03 -21.78 24.44
CA ALA B 53 -24.02 -22.76 23.38
C ALA B 53 -24.51 -24.11 23.89
N PRO B 54 -25.04 -24.95 23.00
CA PRO B 54 -25.44 -26.31 23.41
C PRO B 54 -24.22 -27.14 23.79
N ALA B 55 -24.46 -28.08 24.70
CA ALA B 55 -23.37 -28.93 25.18
C ALA B 55 -22.91 -29.88 24.08
N GLY B 56 -21.60 -29.92 23.85
CA GLY B 56 -21.02 -30.80 22.86
C GLY B 56 -20.75 -30.16 21.52
N GLY B 57 -21.46 -29.09 21.18
CA GLY B 57 -21.28 -28.47 19.88
C GLY B 57 -19.90 -27.85 19.71
N GLU B 58 -19.66 -27.35 18.51
CA GLU B 58 -18.36 -26.78 18.20
C GLU B 58 -18.12 -25.49 18.99
N ALA B 59 -19.17 -24.69 19.17
CA ALA B 59 -19.01 -23.46 19.96
C ALA B 59 -18.63 -23.75 21.39
N HIS B 60 -19.23 -24.80 21.97
CA HIS B 60 -18.90 -25.19 23.34
C HIS B 60 -17.43 -25.56 23.47
N GLN B 61 -16.97 -26.48 22.62
CA GLN B 61 -15.58 -26.98 22.74
C GLN B 61 -14.61 -25.83 22.51
N LEU B 62 -14.88 -25.04 21.50
CA LEU B 62 -13.99 -23.91 21.17
C LEU B 62 -13.95 -22.91 22.32
N ALA B 63 -15.06 -22.69 23.02
CA ALA B 63 -15.08 -21.78 24.18
C ALA B 63 -14.19 -22.29 25.30
N GLN B 64 -14.27 -23.58 25.57
CA GLN B 64 -13.40 -24.19 26.59
C GLN B 64 -11.96 -24.00 26.13
N VAL B 65 -11.72 -24.17 24.84
CA VAL B 65 -10.35 -24.07 24.31
C VAL B 65 -9.85 -22.64 24.54
N MET B 66 -10.66 -21.63 24.28
CA MET B 66 -10.24 -20.22 24.45
C MET B 66 -9.95 -19.94 25.94
N ALA B 67 -10.77 -20.49 26.81
CA ALA B 67 -10.50 -20.27 28.23
C ALA B 67 -9.15 -20.87 28.62
N LYS B 68 -8.93 -22.09 28.15
CA LYS B 68 -7.68 -22.80 28.50
C LYS B 68 -6.51 -22.01 27.94
N GLU B 69 -6.67 -21.46 26.76
CA GLU B 69 -5.60 -20.66 26.12
C GLU B 69 -5.29 -19.41 26.93
N ALA B 70 -6.29 -18.73 27.45
CA ALA B 70 -6.02 -17.59 28.33
C ALA B 70 -5.26 -18.05 29.58
N ASP B 71 -5.67 -19.16 30.16
CA ASP B 71 -4.92 -19.67 31.34
C ASP B 71 -3.46 -19.99 30.96
N ARG B 72 -3.23 -20.58 29.79
CA ARG B 72 -1.87 -20.95 29.34
C ARG B 72 -1.03 -19.70 29.08
N LEU B 73 -1.64 -18.66 28.54
CA LEU B 73 -0.91 -17.40 28.32
C LEU B 73 -0.51 -16.83 29.67
N ASN B 74 -1.39 -16.94 30.65
CA ASN B 74 -0.98 -16.47 32.00
C ASN B 74 0.21 -17.31 32.42
N ARG B 75 0.16 -18.62 32.24
CA ARG B 75 1.30 -19.42 32.72
C ARG B 75 2.58 -18.98 31.99
N VAL B 76 2.52 -18.75 30.70
CA VAL B 76 3.76 -18.41 29.95
C VAL B 76 4.29 -17.04 30.38
N VAL B 77 3.41 -16.08 30.62
CA VAL B 77 3.86 -14.75 31.10
C VAL B 77 4.47 -14.88 32.50
N SER B 78 3.90 -15.74 33.33
CA SER B 78 4.46 -15.99 34.67
C SER B 78 5.86 -16.56 34.48
N GLU B 79 6.02 -17.45 33.52
CA GLU B 79 7.36 -18.02 33.23
C GLU B 79 8.34 -16.93 32.82
N LEU B 80 7.94 -16.02 31.94
CA LEU B 80 8.91 -14.99 31.50
C LEU B 80 9.30 -14.17 32.73
N LEU B 81 8.31 -13.84 33.54
CA LEU B 81 8.60 -12.99 34.70
C LEU B 81 9.56 -13.70 35.66
N GLU B 82 9.34 -14.99 35.89
CA GLU B 82 10.21 -15.75 36.80
C GLU B 82 11.63 -15.84 36.23
N LEU B 83 11.75 -15.99 34.91
CA LEU B 83 13.07 -16.02 34.26
C LEU B 83 13.78 -14.70 34.51
N VAL B 84 13.12 -13.57 34.44
CA VAL B 84 13.87 -12.28 34.56
C VAL B 84 13.92 -11.83 36.02
N LYS B 85 13.29 -12.61 36.90
CA LYS B 85 13.26 -12.29 38.33
C LYS B 85 14.70 -12.23 38.86
N PRO B 86 15.13 -11.18 39.60
CA PRO B 86 16.52 -11.08 40.03
C PRO B 86 16.90 -12.09 41.11
N THR B 87 18.17 -12.48 41.14
CA THR B 87 18.67 -13.43 42.16
C THR B 87 18.55 -12.81 43.55
N HIS B 88 18.40 -13.64 44.56
CA HIS B 88 18.25 -13.14 45.95
C HIS B 88 19.58 -12.52 46.38
N LEU B 89 19.56 -11.76 47.46
CA LEU B 89 20.79 -11.04 47.87
C LEU B 89 21.80 -11.97 48.50
N ALA B 90 23.06 -11.77 48.18
CA ALA B 90 24.15 -12.52 48.85
C ALA B 90 24.42 -11.77 50.15
N LEU B 91 23.67 -12.11 51.20
CA LEU B 91 23.76 -11.33 52.44
C LEU B 91 25.01 -11.69 53.23
N GLN B 92 25.84 -10.71 53.46
CA GLN B 92 27.13 -10.88 54.20
C GLN B 92 27.38 -9.60 55.02
N ALA B 93 28.30 -9.64 55.98
CA ALA B 93 28.53 -8.45 56.85
C ALA B 93 29.42 -7.47 56.12
N VAL B 94 29.00 -6.20 56.05
CA VAL B 94 29.80 -5.23 55.26
C VAL B 94 30.13 -3.98 56.09
N ASP B 95 31.40 -3.57 56.11
CA ASP B 95 31.77 -2.30 56.77
C ASP B 95 31.63 -1.24 55.71
N LEU B 96 30.70 -0.32 55.91
CA LEU B 96 30.42 0.63 54.84
C LEU B 96 31.55 1.61 54.60
N ASN B 97 32.38 1.87 55.61
CA ASN B 97 33.49 2.79 55.39
C ASN B 97 34.45 2.26 54.33
N THR B 98 34.79 0.99 54.47
CA THR B 98 35.70 0.37 53.50
C THR B 98 35.04 0.42 52.13
N LEU B 99 33.76 0.08 52.06
CA LEU B 99 33.08 0.03 50.75
C LEU B 99 33.03 1.41 50.12
N ILE B 100 32.69 2.43 50.90
CA ILE B 100 32.54 3.77 50.28
C ILE B 100 33.92 4.16 49.76
N ASN B 101 34.97 3.83 50.51
CA ASN B 101 36.34 4.20 50.09
C ASN B 101 36.69 3.50 48.78
N HIS B 102 36.44 2.20 48.69
CA HIS B 102 36.73 1.44 47.45
C HIS B 102 35.93 2.06 46.31
N SER B 103 34.69 2.43 46.58
CA SER B 103 33.82 2.97 45.51
C SER B 103 34.42 4.26 44.98
N LEU B 104 34.85 5.12 45.89
CA LEU B 104 35.41 6.41 45.46
C LEU B 104 36.70 6.16 44.70
N GLN B 105 37.49 5.14 45.12
CA GLN B 105 38.79 4.77 44.49
C GLN B 105 38.56 4.27 43.08
N LEU B 106 37.44 3.58 42.86
CA LEU B 106 37.08 3.09 41.51
C LEU B 106 36.75 4.30 40.64
N VAL B 107 36.49 5.45 41.26
CA VAL B 107 36.20 6.66 40.52
C VAL B 107 37.36 7.66 40.58
N SER B 108 38.47 7.28 41.21
CA SER B 108 39.52 8.25 41.54
C SER B 108 40.11 8.90 40.29
N GLN B 109 40.54 8.08 39.32
CA GLN B 109 41.25 8.64 38.17
C GLN B 109 40.34 9.51 37.32
N ASP B 110 39.12 9.03 37.04
CA ASP B 110 38.20 9.80 36.21
C ASP B 110 37.83 11.11 36.88
N ALA B 111 37.59 11.08 38.20
CA ALA B 111 37.31 12.31 38.93
C ALA B 111 38.50 13.26 38.90
N ASN B 112 39.72 12.72 39.04
CA ASN B 112 40.90 13.56 39.04
C ASN B 112 41.07 14.26 37.70
N SER B 113 41.00 13.52 36.60
CA SER B 113 41.21 14.11 35.28
C SER B 113 40.13 15.13 34.96
N ARG B 114 38.87 14.82 35.28
CA ARG B 114 37.77 15.73 35.03
C ARG B 114 37.69 16.85 36.07
N GLU B 115 38.70 16.98 36.93
CA GLU B 115 38.72 18.00 37.98
C GLU B 115 37.49 17.87 38.89
N ILE B 116 37.42 16.73 39.56
CA ILE B 116 36.35 16.44 40.50
C ILE B 116 36.98 16.07 41.84
N GLN B 117 36.50 16.68 42.92
CA GLN B 117 37.04 16.45 44.24
C GLN B 117 36.24 15.36 44.96
N LEU B 118 36.94 14.42 45.59
CA LEU B 118 36.28 13.29 46.28
C LEU B 118 36.41 13.45 47.79
N ARG B 119 35.32 13.74 48.49
CA ARG B 119 35.41 14.01 49.93
C ARG B 119 34.55 13.04 50.74
N PHE B 120 35.15 12.30 51.66
CA PHE B 120 34.37 11.43 52.55
C PHE B 120 35.06 11.39 53.91
N THR B 121 34.30 11.46 54.99
CA THR B 121 34.90 11.28 56.33
C THR B 121 34.26 10.03 56.95
N ALA B 122 35.07 9.10 57.44
CA ALA B 122 34.56 7.83 57.97
C ALA B 122 34.22 7.91 59.46
N ASN B 123 33.13 7.26 59.87
CA ASN B 123 32.78 7.19 61.30
C ASN B 123 33.16 5.79 61.75
N ASP B 124 34.03 5.69 62.73
CA ASP B 124 34.54 4.36 63.14
C ASP B 124 33.42 3.64 63.89
N THR B 125 32.43 4.42 64.35
CA THR B 125 31.38 3.86 65.23
C THR B 125 30.25 3.35 64.34
N LEU B 126 30.36 3.47 63.05
CA LEU B 126 29.30 3.05 62.15
C LEU B 126 29.21 1.53 62.14
N PRO B 127 28.06 0.94 62.43
CA PRO B 127 27.96 -0.52 62.48
C PRO B 127 28.06 -1.14 61.11
N GLU B 128 28.42 -2.42 61.10
CA GLU B 128 28.47 -3.19 59.87
C GLU B 128 27.13 -3.87 59.64
N ILE B 129 26.60 -3.73 58.43
CA ILE B 129 25.24 -4.19 58.14
C ILE B 129 25.30 -5.51 57.37
N GLN B 130 24.18 -6.22 57.38
CA GLN B 130 24.03 -7.42 56.56
C GLN B 130 23.54 -6.99 55.17
N ALA B 131 24.41 -7.10 54.18
CA ALA B 131 24.09 -6.59 52.85
C ALA B 131 24.95 -7.33 51.82
N ASP B 132 24.78 -6.91 50.56
CA ASP B 132 25.55 -7.44 49.44
C ASP B 132 26.49 -6.33 48.96
N PRO B 133 27.80 -6.47 49.21
CA PRO B 133 28.71 -5.42 48.86
C PRO B 133 28.69 -5.10 47.37
N ASP B 134 28.68 -6.09 46.48
CA ASP B 134 28.84 -5.77 45.04
C ASP B 134 27.67 -4.90 44.56
N ARG B 135 26.45 -5.24 44.95
CA ARG B 135 25.26 -4.46 44.55
C ARG B 135 25.27 -3.06 45.15
N LEU B 136 25.69 -2.94 46.40
CA LEU B 136 25.74 -1.61 47.05
C LEU B 136 26.78 -0.79 46.32
N THR B 137 27.87 -1.44 45.94
CA THR B 137 28.95 -0.75 45.21
C THR B 137 28.36 -0.28 43.90
N GLN B 138 27.51 -1.08 43.25
CA GLN B 138 26.85 -0.70 41.98
C GLN B 138 25.95 0.51 42.18
N VAL B 139 25.18 0.53 43.26
CA VAL B 139 24.36 1.74 43.52
C VAL B 139 25.30 2.93 43.67
N LEU B 140 26.39 2.78 44.42
CA LEU B 140 27.27 3.93 44.69
C LEU B 140 27.90 4.40 43.40
N LEU B 141 28.35 3.48 42.57
CA LEU B 141 29.06 3.87 41.34
C LEU B 141 28.05 4.60 40.46
N ASN B 142 26.82 4.11 40.41
CA ASN B 142 25.80 4.74 39.54
C ASN B 142 25.58 6.17 40.01
N LEU B 143 25.41 6.34 41.33
CA LEU B 143 25.13 7.69 41.83
C LEU B 143 26.31 8.58 41.48
N TYR B 144 27.53 8.07 41.68
CA TYR B 144 28.73 8.91 41.45
C TYR B 144 28.84 9.30 39.99
N LEU B 145 28.61 8.37 39.07
CA LEU B 145 28.80 8.67 37.63
C LEU B 145 27.76 9.70 37.23
N ASN B 146 26.56 9.51 37.74
CA ASN B 146 25.50 10.46 37.34
C ASN B 146 25.95 11.83 37.82
N ALA B 147 26.48 11.89 39.04
CA ALA B 147 26.90 13.18 39.63
C ALA B 147 28.03 13.83 38.84
N ILE B 148 29.00 13.04 38.42
CA ILE B 148 30.13 13.60 37.63
C ILE B 148 29.55 14.15 36.33
N GLN B 149 28.61 13.43 35.73
CA GLN B 149 28.08 13.88 34.41
C GLN B 149 27.34 15.20 34.64
N ALA B 150 26.68 15.31 35.79
CA ALA B 150 25.96 16.56 36.13
C ALA B 150 26.89 17.76 36.09
N ILE B 151 28.20 17.55 36.21
CA ILE B 151 29.14 18.67 36.12
C ILE B 151 30.46 18.14 35.58
N GLY B 152 30.82 18.54 34.36
CA GLY B 152 32.04 18.02 33.75
C GLY B 152 33.30 18.43 34.48
N GLN B 153 33.40 19.71 34.85
CA GLN B 153 34.60 20.23 35.49
C GLN B 153 34.18 21.14 36.64
N HIS B 154 35.10 21.31 37.60
CA HIS B 154 34.90 22.21 38.74
C HIS B 154 33.67 21.81 39.56
N GLY B 155 33.78 20.62 40.15
CA GLY B 155 32.76 20.13 41.05
C GLY B 155 33.37 19.38 42.21
N VAL B 156 32.56 19.18 43.24
CA VAL B 156 32.95 18.44 44.43
C VAL B 156 31.92 17.35 44.67
N ILE B 157 32.39 16.16 45.09
CA ILE B 157 31.47 15.02 45.38
C ILE B 157 31.60 14.68 46.86
N SER B 158 30.51 14.84 47.62
CA SER B 158 30.58 14.62 49.08
C SER B 158 29.72 13.44 49.47
N VAL B 159 30.31 12.49 50.18
CA VAL B 159 29.55 11.31 50.67
C VAL B 159 29.63 11.32 52.20
N THR B 160 28.49 11.13 52.87
CA THR B 160 28.47 11.08 54.34
C THR B 160 27.74 9.81 54.77
N ALA B 161 28.19 9.17 55.84
CA ALA B 161 27.56 7.92 56.31
C ALA B 161 27.27 8.05 57.80
N SER B 162 26.08 7.63 58.22
CA SER B 162 25.69 7.88 59.62
C SER B 162 24.70 6.85 60.10
N GLU B 163 24.67 6.62 61.42
CA GLU B 163 23.65 5.71 61.96
C GLU B 163 22.33 6.45 62.05
N SER B 164 21.21 5.74 61.94
CA SER B 164 19.87 6.33 62.01
C SER B 164 18.88 5.21 62.30
N GLY B 165 18.23 5.29 63.46
CA GLY B 165 17.29 4.25 63.83
C GLY B 165 17.98 2.91 63.88
N ALA B 166 17.28 1.88 63.38
CA ALA B 166 17.89 0.57 63.18
C ALA B 166 18.47 0.46 61.77
N GLY B 167 19.28 1.43 61.37
CA GLY B 167 19.83 1.42 60.03
C GLY B 167 20.91 2.45 59.85
N VAL B 168 21.34 2.64 58.60
CA VAL B 168 22.44 3.59 58.28
C VAL B 168 21.98 4.46 57.12
N LYS B 169 22.40 5.73 57.07
CA LYS B 169 22.03 6.64 55.96
C LYS B 169 23.28 7.10 55.23
N ILE B 170 23.29 6.95 53.92
CA ILE B 170 24.44 7.39 53.10
C ILE B 170 23.93 8.48 52.16
N SER B 171 24.58 9.63 52.13
CA SER B 171 24.09 10.75 51.32
C SER B 171 25.17 11.10 50.30
N VAL B 172 24.81 11.22 49.03
CA VAL B 172 25.81 11.65 48.03
C VAL B 172 25.42 13.02 47.53
N THR B 173 26.27 14.02 47.76
CA THR B 173 25.94 15.42 47.39
C THR B 173 26.94 15.89 46.34
N ASP B 174 26.44 16.53 45.30
CA ASP B 174 27.34 16.96 44.20
C ASP B 174 27.03 18.40 43.81
N SER B 175 28.00 19.09 43.22
CA SER B 175 27.73 20.42 42.67
C SER B 175 26.92 20.32 41.39
N GLY B 176 27.30 19.40 40.50
CA GLY B 176 26.48 19.01 39.36
C GLY B 176 25.89 20.15 38.58
N LYS B 177 24.66 19.92 38.07
CA LYS B 177 23.91 20.96 37.33
C LYS B 177 22.48 21.01 37.88
N GLY B 178 22.08 20.06 38.72
CA GLY B 178 20.77 20.13 39.37
C GLY B 178 19.63 19.54 38.58
N ILE B 179 18.58 19.12 39.27
CA ILE B 179 17.37 18.56 38.61
C ILE B 179 16.20 19.39 39.14
N ALA B 180 15.30 19.80 38.25
CA ALA B 180 14.10 20.56 38.69
C ALA B 180 13.24 19.69 39.60
N ALA B 181 12.40 20.33 40.39
CA ALA B 181 11.53 19.59 41.30
C ALA B 181 10.26 19.10 40.62
N ASP B 182 9.93 19.64 39.44
CA ASP B 182 8.73 19.20 38.73
C ASP B 182 8.88 17.79 38.15
N GLN B 183 10.11 17.26 38.10
CA GLN B 183 10.38 15.91 37.63
C GLN B 183 11.25 15.24 38.69
N LEU B 184 10.62 14.65 39.70
CA LEU B 184 11.34 14.07 40.83
C LEU B 184 11.18 12.55 40.91
N ASP B 185 9.95 12.05 40.97
CA ASP B 185 9.74 10.61 40.97
C ASP B 185 10.10 10.00 39.62
N ALA B 186 9.85 10.74 38.53
CA ALA B 186 10.13 10.23 37.19
C ALA B 186 11.61 9.95 36.98
N ILE B 187 12.48 10.48 37.85
CA ILE B 187 13.90 10.21 37.71
C ILE B 187 14.20 8.74 38.01
N PHE B 188 13.39 8.09 38.83
CA PHE B 188 13.60 6.69 39.14
C PHE B 188 12.98 5.73 38.14
N THR B 189 12.11 6.21 37.27
CA THR B 189 11.44 5.32 36.31
C THR B 189 12.44 4.83 35.27
N PRO B 190 12.45 3.53 34.98
CA PRO B 190 13.38 3.02 33.96
C PRO B 190 13.15 3.67 32.61
N TYR B 191 14.24 3.84 31.86
CA TYR B 191 14.28 4.45 30.53
C TYR B 191 14.05 5.95 30.59
N PHE B 192 14.13 6.55 31.78
CA PHE B 192 13.98 8.03 31.92
C PHE B 192 15.36 8.68 32.00
N THR B 193 15.64 9.63 31.11
CA THR B 193 16.97 10.29 31.07
C THR B 193 16.85 11.69 30.49
N THR B 194 17.73 12.59 30.89
CA THR B 194 17.72 13.99 30.40
C THR B 194 18.96 14.20 29.55
N LYS B 195 19.58 13.13 29.09
CA LYS B 195 20.75 13.33 28.20
C LYS B 195 20.55 12.55 26.90
N ALA B 196 21.06 13.08 25.79
CA ALA B 196 20.79 12.45 24.48
C ALA B 196 21.43 11.07 24.44
N GLU B 197 22.69 10.98 24.84
CA GLU B 197 23.29 9.63 24.92
C GLU B 197 22.90 9.07 26.27
N GLY B 198 23.10 7.79 26.49
CA GLY B 198 22.85 7.23 27.82
C GLY B 198 21.56 6.46 27.91
N THR B 199 21.56 5.44 28.77
CA THR B 199 20.32 4.69 29.01
C THR B 199 19.60 5.46 30.09
N GLY B 200 18.43 5.00 30.48
CA GLY B 200 17.73 5.64 31.60
C GLY B 200 17.63 4.61 32.69
N LEU B 201 18.66 3.79 32.82
CA LEU B 201 18.54 2.65 33.75
C LEU B 201 19.37 2.75 35.03
N GLY B 202 20.24 3.76 35.20
CA GLY B 202 21.09 3.73 36.37
C GLY B 202 20.33 3.78 37.67
N LEU B 203 19.51 4.82 37.84
CA LEU B 203 18.71 4.91 39.06
C LEU B 203 17.70 3.79 39.16
N ALA B 204 17.32 3.16 38.04
CA ALA B 204 16.49 1.97 38.13
C ALA B 204 17.21 0.84 38.83
N VAL B 205 18.49 0.64 38.48
CA VAL B 205 19.31 -0.34 39.20
C VAL B 205 19.45 0.05 40.67
N VAL B 206 19.66 1.34 40.92
CA VAL B 206 19.80 1.82 42.29
C VAL B 206 18.56 1.47 43.11
N HIS B 207 17.38 1.81 42.58
CA HIS B 207 16.14 1.56 43.28
C HIS B 207 15.89 0.06 43.44
N ASN B 208 16.20 -0.73 42.41
CA ASN B 208 16.01 -2.17 42.52
C ASN B 208 16.86 -2.76 43.63
N ILE B 209 18.13 -2.36 43.70
CA ILE B 209 19.02 -2.89 44.73
C ILE B 209 18.59 -2.43 46.12
N VAL B 210 18.24 -1.14 46.25
CA VAL B 210 17.85 -0.60 47.55
C VAL B 210 16.59 -1.31 48.06
N GLU B 211 15.58 -1.42 47.20
CA GLU B 211 14.35 -2.10 47.60
C GLU B 211 14.59 -3.58 47.88
N GLN B 212 15.53 -4.20 47.16
CA GLN B 212 15.88 -5.58 47.45
C GLN B 212 16.45 -5.69 48.86
N HIS B 213 17.33 -4.77 49.23
CA HIS B 213 17.91 -4.79 50.57
C HIS B 213 16.84 -4.58 51.63
N GLY B 214 15.95 -3.62 51.43
CA GLY B 214 14.91 -3.35 52.39
C GLY B 214 14.95 -1.94 52.90
N GLY B 215 15.58 -1.08 52.11
CA GLY B 215 15.72 0.31 52.55
C GLY B 215 15.02 1.28 51.63
N THR B 216 15.41 2.54 51.69
CA THR B 216 14.72 3.57 50.90
C THR B 216 15.75 4.49 50.22
N ILE B 217 15.35 5.13 49.15
CA ILE B 217 16.24 6.13 48.51
C ILE B 217 15.41 7.40 48.30
N GLN B 218 16.00 8.57 48.57
CA GLN B 218 15.28 9.87 48.49
C GLN B 218 16.20 10.86 47.79
N VAL B 219 15.63 11.92 47.19
CA VAL B 219 16.48 12.85 46.38
C VAL B 219 16.20 14.29 46.76
N ALA B 220 17.22 15.15 46.73
CA ALA B 220 17.03 16.59 46.95
C ALA B 220 17.83 17.31 45.86
N SER B 221 17.24 18.29 45.18
CA SER B 221 18.00 18.90 44.07
C SER B 221 17.64 20.36 43.86
N GLN B 222 18.66 21.22 43.77
CA GLN B 222 18.45 22.63 43.49
C GLN B 222 19.09 22.94 42.15
N GLU B 223 18.28 23.40 41.20
CA GLU B 223 18.76 23.61 39.83
C GLU B 223 19.90 24.62 39.83
N GLY B 224 20.95 24.29 39.08
CA GLY B 224 22.14 25.10 39.05
C GLY B 224 23.03 24.98 40.28
N LYS B 225 22.48 24.54 41.41
CA LYS B 225 23.25 24.42 42.65
C LYS B 225 23.84 23.03 42.81
N GLY B 226 22.99 21.99 42.75
CA GLY B 226 23.51 20.62 42.83
C GLY B 226 22.47 19.63 43.33
N SER B 227 22.87 18.40 43.59
CA SER B 227 21.88 17.36 43.96
C SER B 227 22.36 16.52 45.14
N THR B 228 21.44 16.13 46.03
CA THR B 228 21.79 15.20 47.13
C THR B 228 20.90 13.96 47.04
N PHE B 229 21.51 12.76 47.01
CA PHE B 229 20.73 11.49 46.99
C PHE B 229 21.00 10.78 48.31
N THR B 230 20.00 10.31 49.11
CA THR B 230 20.09 9.72 50.47
C THR B 230 19.60 8.28 50.45
N LEU B 231 20.39 7.36 50.99
CA LEU B 231 20.06 5.91 50.99
C LEU B 231 19.91 5.48 52.45
N TRP B 232 18.80 4.84 52.81
CA TRP B 232 18.71 4.26 54.16
C TRP B 232 18.72 2.76 53.97
N LEU B 233 19.53 2.04 54.73
CA LEU B 233 19.62 0.58 54.58
C LEU B 233 19.49 -0.03 55.97
N PRO B 234 18.78 -1.16 56.19
CA PRO B 234 18.74 -1.74 57.52
C PRO B 234 20.06 -2.39 57.96
N VAL B 235 20.28 -2.47 59.27
CA VAL B 235 21.49 -3.16 59.81
C VAL B 235 21.31 -4.66 59.74
N ASN B 236 20.15 -5.16 60.17
CA ASN B 236 19.86 -6.61 60.04
C ASN B 236 18.55 -6.72 59.27
N ILE B 237 18.59 -7.41 58.15
CA ILE B 237 17.37 -7.49 57.29
C ILE B 237 16.29 -8.23 58.08
N LEU C 5 -33.29 -19.28 -59.53
CA LEU C 5 -34.22 -19.68 -58.44
C LEU C 5 -34.15 -18.68 -57.28
N ARG C 6 -35.25 -18.47 -56.61
CA ARG C 6 -35.38 -17.57 -55.45
C ARG C 6 -34.44 -18.11 -54.38
N SER C 7 -34.39 -19.43 -54.26
CA SER C 7 -33.51 -20.04 -53.24
C SER C 7 -32.07 -19.64 -53.51
N ARG C 8 -31.70 -19.58 -54.77
CA ARG C 8 -30.34 -19.15 -55.13
C ARG C 8 -30.13 -17.70 -54.72
N GLN C 9 -31.09 -16.82 -55.00
CA GLN C 9 -30.78 -15.42 -54.61
C GLN C 9 -30.84 -15.30 -53.08
N LEU C 10 -31.64 -16.15 -52.43
CA LEU C 10 -31.68 -16.17 -50.97
C LEU C 10 -30.28 -16.35 -50.39
N LEU C 11 -29.52 -17.31 -50.91
CA LEU C 11 -28.16 -17.51 -50.46
C LEU C 11 -27.30 -16.28 -50.74
N GLN C 12 -27.44 -15.70 -51.94
CA GLN C 12 -26.66 -14.52 -52.27
C GLN C 12 -27.01 -13.34 -51.36
N ASP C 13 -28.29 -13.17 -51.05
CA ASP C 13 -28.70 -12.09 -50.17
C ASP C 13 -28.15 -12.27 -48.77
N GLU C 14 -28.20 -13.51 -48.25
CA GLU C 14 -27.64 -13.77 -46.93
C GLU C 14 -26.14 -13.47 -46.91
N MET C 15 -25.42 -13.90 -47.95
CA MET C 15 -23.99 -13.67 -47.97
C MET C 15 -23.66 -12.18 -48.11
N LYS C 16 -24.40 -11.46 -48.95
CA LYS C 16 -24.18 -10.01 -49.07
C LYS C 16 -24.45 -9.30 -47.75
N ARG C 17 -25.53 -9.68 -47.08
CA ARG C 17 -25.86 -9.10 -45.78
C ARG C 17 -24.74 -9.34 -44.79
N LYS C 18 -24.24 -10.57 -44.70
CA LYS C 18 -23.18 -10.85 -43.75
C LYS C 18 -21.88 -10.16 -44.11
N GLU C 19 -21.58 -9.97 -45.40
CA GLU C 19 -20.24 -9.41 -45.80
C GLU C 19 -20.25 -7.87 -45.79
N LYS C 20 -21.44 -7.24 -45.84
CA LYS C 20 -21.45 -5.79 -45.73
C LYS C 20 -21.05 -5.34 -44.33
N LEU C 21 -21.23 -6.20 -43.32
CA LEU C 21 -21.04 -5.82 -41.94
C LEU C 21 -19.63 -6.08 -41.41
N VAL C 22 -18.84 -6.92 -42.07
CA VAL C 22 -17.53 -7.31 -41.47
C VAL C 22 -16.36 -6.87 -42.34
N ALA C 23 -16.65 -6.42 -43.55
CA ALA C 23 -15.53 -6.12 -44.45
C ALA C 23 -14.50 -5.18 -43.83
N LEU C 24 -14.94 -4.06 -43.28
CA LEU C 24 -13.93 -3.11 -42.79
C LEU C 24 -13.21 -3.77 -41.61
N GLY C 25 -13.94 -4.49 -40.78
CA GLY C 25 -13.30 -5.23 -39.70
C GLY C 25 -12.14 -6.03 -40.22
N HIS C 26 -12.31 -6.73 -41.34
CA HIS C 26 -11.26 -7.59 -41.92
C HIS C 26 -10.05 -6.75 -42.30
N LEU C 27 -10.25 -5.72 -43.10
CA LEU C 27 -9.17 -4.84 -43.53
C LEU C 27 -8.42 -4.28 -42.34
N ALA C 28 -9.13 -3.97 -41.25
CA ALA C 28 -8.48 -3.47 -40.05
C ALA C 28 -7.53 -4.50 -39.46
N ALA C 29 -7.95 -5.76 -39.40
CA ALA C 29 -7.08 -6.81 -38.92
C ALA C 29 -5.83 -6.93 -39.79
N GLY C 30 -6.01 -6.78 -41.09
CA GLY C 30 -4.87 -6.94 -42.01
C GLY C 30 -3.82 -5.89 -41.75
N VAL C 31 -4.21 -4.64 -41.49
CA VAL C 31 -3.21 -3.55 -41.36
C VAL C 31 -2.58 -3.61 -39.96
N ALA C 32 -3.39 -4.02 -38.98
CA ALA C 32 -2.91 -4.11 -37.59
C ALA C 32 -1.77 -5.11 -37.54
N HIS C 33 -1.84 -6.12 -38.39
CA HIS C 33 -0.77 -7.15 -38.41
C HIS C 33 0.45 -6.58 -39.12
N GLU C 34 0.23 -5.68 -40.08
CA GLU C 34 1.38 -5.05 -40.76
C GLU C 34 2.19 -4.23 -39.74
N ILE C 35 1.53 -3.70 -38.71
CA ILE C 35 2.24 -2.96 -37.63
C ILE C 35 3.29 -3.85 -36.98
N ARG C 36 2.96 -5.12 -36.74
CA ARG C 36 3.86 -6.01 -35.96
C ARG C 36 5.25 -6.10 -36.61
N ASN C 37 5.33 -6.08 -37.92
CA ASN C 37 6.65 -6.25 -38.56
C ASN C 37 7.54 -5.04 -38.22
N PRO C 38 7.28 -3.76 -38.60
CA PRO C 38 8.15 -2.67 -38.17
C PRO C 38 8.27 -2.54 -36.63
N LEU C 39 7.26 -2.91 -35.86
CA LEU C 39 7.39 -2.89 -34.39
C LEU C 39 8.57 -3.76 -34.03
N SER C 40 8.55 -5.01 -34.48
CA SER C 40 9.63 -5.96 -34.15
C SER C 40 10.97 -5.45 -34.67
N SER C 41 11.01 -4.93 -35.88
CA SER C 41 12.32 -4.37 -36.28
C SER C 41 12.63 -3.30 -35.26
N ILE C 42 11.61 -2.62 -34.76
CA ILE C 42 12.02 -1.53 -33.83
C ILE C 42 12.47 -2.11 -32.48
N LYS C 43 11.65 -2.97 -31.87
CA LYS C 43 11.97 -3.58 -30.54
C LYS C 43 13.36 -4.19 -30.59
N GLY C 44 13.69 -4.87 -31.68
CA GLY C 44 15.00 -5.53 -31.80
C GLY C 44 16.12 -4.52 -31.84
N LEU C 45 15.98 -3.50 -32.68
CA LEU C 45 17.08 -2.52 -32.83
C LEU C 45 17.17 -1.72 -31.54
N ALA C 46 16.05 -1.57 -30.81
CA ALA C 46 16.13 -0.95 -29.51
C ALA C 46 16.98 -1.77 -28.55
N LYS C 47 16.79 -3.09 -28.51
CA LYS C 47 17.69 -3.88 -27.64
C LYS C 47 19.10 -3.66 -28.15
N TYR C 48 19.34 -3.68 -29.45
CA TYR C 48 20.74 -3.56 -29.94
C TYR C 48 21.42 -2.33 -29.35
N PHE C 49 20.78 -1.18 -29.42
CA PHE C 49 21.46 0.07 -28.99
C PHE C 49 21.60 0.14 -27.46
N ALA C 50 20.68 -0.47 -26.74
CA ALA C 50 20.79 -0.50 -25.26
C ALA C 50 21.96 -1.37 -24.79
N GLU C 51 22.07 -2.59 -25.32
CA GLU C 51 23.13 -3.53 -24.91
C GLU C 51 24.50 -2.97 -25.31
N ARG C 52 24.59 -2.31 -26.46
CA ARG C 52 25.86 -1.67 -26.88
C ARG C 52 26.06 -0.40 -26.06
N GLY C 56 29.21 4.67 -18.97
CA GLY C 56 27.87 4.97 -18.47
C GLY C 56 27.41 6.37 -18.82
N GLY C 57 27.84 6.86 -19.98
CA GLY C 57 27.49 8.19 -20.42
C GLY C 57 26.00 8.33 -20.70
N GLU C 58 25.65 9.52 -21.17
CA GLU C 58 24.22 9.80 -21.45
C GLU C 58 23.75 8.73 -22.42
N ALA C 59 24.68 8.07 -23.10
CA ALA C 59 24.26 7.09 -24.13
C ALA C 59 23.46 5.96 -23.52
N HIS C 60 23.95 5.40 -22.42
CA HIS C 60 23.25 4.25 -21.82
C HIS C 60 21.87 4.73 -21.43
N GLN C 61 21.79 5.91 -20.83
CA GLN C 61 20.48 6.40 -20.33
C GLN C 61 19.49 6.57 -21.48
N LEU C 62 19.96 7.20 -22.56
CA LEU C 62 19.03 7.48 -23.68
C LEU C 62 18.55 6.16 -24.23
N ALA C 63 19.48 5.22 -24.38
CA ALA C 63 19.12 3.91 -24.93
C ALA C 63 18.05 3.30 -24.05
N GLN C 64 18.29 3.32 -22.75
CA GLN C 64 17.33 2.71 -21.83
C GLN C 64 15.94 3.30 -22.00
N VAL C 65 15.84 4.63 -22.16
CA VAL C 65 14.55 5.24 -22.44
C VAL C 65 13.99 4.71 -23.75
N MET C 66 14.84 4.61 -24.76
CA MET C 66 14.40 4.07 -26.06
C MET C 66 13.83 2.67 -25.90
N ALA C 67 14.53 1.82 -25.17
CA ALA C 67 14.10 0.43 -25.01
C ALA C 67 12.80 0.34 -24.23
N LYS C 68 12.66 1.15 -23.18
CA LYS C 68 11.43 1.15 -22.40
C LYS C 68 10.26 1.64 -23.24
N GLU C 69 10.47 2.70 -24.03
CA GLU C 69 9.42 3.20 -24.92
C GLU C 69 9.03 2.14 -25.94
N ALA C 70 10.01 1.43 -26.49
CA ALA C 70 9.72 0.39 -27.47
C ALA C 70 8.96 -0.77 -26.82
N ASP C 71 9.29 -1.08 -25.57
CA ASP C 71 8.54 -2.10 -24.84
C ASP C 71 7.09 -1.68 -24.67
N ARG C 72 6.87 -0.43 -24.29
CA ARG C 72 5.50 0.08 -24.18
C ARG C 72 4.78 -0.02 -25.51
N LEU C 73 5.45 0.38 -26.59
CA LEU C 73 4.84 0.32 -27.92
C LEU C 73 4.47 -1.10 -28.29
N ASN C 74 5.36 -2.05 -28.03
CA ASN C 74 5.07 -3.44 -28.35
C ASN C 74 3.86 -3.93 -27.57
N ARG C 75 3.80 -3.61 -26.27
CA ARG C 75 2.68 -4.08 -25.46
C ARG C 75 1.37 -3.47 -25.94
N VAL C 76 1.36 -2.16 -26.21
CA VAL C 76 0.10 -1.52 -26.61
C VAL C 76 -0.33 -2.03 -27.98
N VAL C 77 0.62 -2.22 -28.89
CA VAL C 77 0.27 -2.72 -30.22
C VAL C 77 -0.30 -4.12 -30.12
N SER C 78 0.31 -4.98 -29.30
CA SER C 78 -0.21 -6.34 -29.15
C SER C 78 -1.61 -6.34 -28.53
N GLU C 79 -1.82 -5.52 -27.51
CA GLU C 79 -3.14 -5.45 -26.89
C GLU C 79 -4.18 -4.93 -27.88
N LEU C 80 -3.83 -3.90 -28.65
CA LEU C 80 -4.74 -3.37 -29.66
C LEU C 80 -5.07 -4.43 -30.70
N LEU C 81 -4.06 -5.18 -31.14
CA LEU C 81 -4.28 -6.21 -32.14
C LEU C 81 -5.21 -7.30 -31.61
N GLU C 82 -5.02 -7.69 -30.35
CA GLU C 82 -5.92 -8.67 -29.76
C GLU C 82 -7.34 -8.13 -29.64
N LEU C 83 -7.47 -6.82 -29.37
CA LEU C 83 -8.79 -6.24 -29.20
C LEU C 83 -9.54 -6.12 -30.51
N VAL C 84 -8.87 -5.61 -31.55
CA VAL C 84 -9.54 -5.25 -32.79
C VAL C 84 -10.08 -6.49 -33.51
N LYS C 85 -9.35 -7.59 -33.46
CA LYS C 85 -9.76 -8.76 -34.21
C LYS C 85 -11.00 -9.38 -33.60
N PRO C 86 -11.91 -9.92 -34.43
CA PRO C 86 -13.03 -10.69 -33.87
C PRO C 86 -12.58 -11.88 -33.05
N THR C 87 -11.39 -12.43 -33.31
CA THR C 87 -10.71 -13.39 -32.43
C THR C 87 -11.60 -14.60 -32.15
N HIS C 88 -11.83 -15.38 -33.21
CA HIS C 88 -12.66 -16.57 -33.09
C HIS C 88 -12.13 -17.48 -31.99
N LEU C 89 -13.05 -18.00 -31.19
CA LEU C 89 -12.72 -18.75 -29.99
C LEU C 89 -12.49 -20.21 -30.36
N ALA C 90 -11.28 -20.70 -30.10
CA ALA C 90 -10.92 -22.09 -30.37
C ALA C 90 -11.37 -22.96 -29.20
N LEU C 91 -12.69 -23.22 -29.17
CA LEU C 91 -13.28 -23.92 -28.03
C LEU C 91 -12.68 -25.31 -27.86
N GLN C 92 -12.50 -25.69 -26.60
CA GLN C 92 -12.03 -27.03 -26.24
C GLN C 92 -12.34 -27.25 -24.76
N ALA C 93 -12.25 -28.51 -24.34
CA ALA C 93 -12.45 -28.85 -22.95
C ALA C 93 -11.18 -28.54 -22.17
N VAL C 94 -11.26 -27.57 -21.26
CA VAL C 94 -10.13 -27.16 -20.44
C VAL C 94 -10.37 -27.63 -19.01
N ASP C 95 -9.29 -28.09 -18.38
CA ASP C 95 -9.32 -28.40 -16.93
C ASP C 95 -8.70 -27.17 -16.30
N LEU C 96 -9.46 -26.45 -15.50
CA LEU C 96 -8.94 -25.17 -14.98
C LEU C 96 -7.73 -25.37 -14.07
N ASN C 97 -7.66 -26.48 -13.35
CA ASN C 97 -6.50 -26.62 -12.47
C ASN C 97 -5.21 -26.46 -13.25
N THR C 98 -5.11 -27.20 -14.34
CA THR C 98 -3.88 -27.16 -15.16
C THR C 98 -3.72 -25.76 -15.71
N LEU C 99 -4.81 -25.15 -16.20
CA LEU C 99 -4.65 -23.83 -16.85
C LEU C 99 -4.13 -22.80 -15.85
N ILE C 100 -4.73 -22.77 -14.66
CA ILE C 100 -4.32 -21.76 -13.65
C ILE C 100 -2.87 -22.04 -13.24
N ASN C 101 -2.52 -23.32 -13.09
CA ASN C 101 -1.15 -23.66 -12.66
C ASN C 101 -0.16 -23.18 -13.72
N HIS C 102 -0.48 -23.36 -14.98
CA HIS C 102 0.41 -22.93 -16.08
C HIS C 102 0.51 -21.41 -16.08
N SER C 103 -0.63 -20.75 -15.91
CA SER C 103 -0.65 -19.27 -15.97
C SER C 103 0.19 -18.74 -14.82
N LEU C 104 0.11 -19.41 -13.68
CA LEU C 104 0.85 -18.92 -12.50
C LEU C 104 2.35 -19.13 -12.72
N GLN C 105 2.76 -20.20 -13.39
CA GLN C 105 4.21 -20.35 -13.68
C GLN C 105 4.63 -19.32 -14.72
N LEU C 106 3.74 -18.94 -15.62
CA LEU C 106 4.15 -17.89 -16.54
C LEU C 106 4.59 -16.63 -15.82
N VAL C 107 4.12 -16.44 -14.59
CA VAL C 107 4.41 -15.16 -13.87
C VAL C 107 5.34 -15.42 -12.67
N SER C 108 5.65 -16.69 -12.38
CA SER C 108 6.52 -17.06 -11.22
C SER C 108 7.78 -16.20 -11.11
N GLN C 109 8.56 -16.04 -12.17
CA GLN C 109 9.82 -15.30 -11.98
C GLN C 109 9.47 -13.90 -11.47
N ASP C 110 8.63 -13.16 -12.18
CA ASP C 110 8.36 -11.78 -11.76
C ASP C 110 7.76 -11.74 -10.36
N ALA C 111 6.92 -12.72 -10.01
CA ALA C 111 6.37 -12.77 -8.67
C ALA C 111 7.46 -13.01 -7.63
N ASN C 112 8.41 -13.89 -7.94
CA ASN C 112 9.50 -14.17 -7.01
C ASN C 112 10.47 -13.00 -6.89
N SER C 113 10.70 -12.27 -7.99
CA SER C 113 11.59 -11.13 -7.93
C SER C 113 11.02 -10.03 -7.04
N ARG C 114 9.71 -9.80 -7.11
CA ARG C 114 9.04 -8.79 -6.29
C ARG C 114 8.51 -9.37 -4.98
N GLU C 115 9.02 -10.52 -4.56
CA GLU C 115 8.67 -11.13 -3.27
C GLU C 115 7.15 -11.28 -3.13
N ILE C 116 6.51 -11.66 -4.22
CA ILE C 116 5.07 -11.86 -4.26
C ILE C 116 4.78 -13.35 -4.15
N GLN C 117 3.95 -13.72 -3.19
CA GLN C 117 3.59 -15.11 -2.99
C GLN C 117 2.33 -15.44 -3.78
N LEU C 118 2.35 -16.60 -4.43
CA LEU C 118 1.22 -17.06 -5.24
C LEU C 118 0.60 -18.27 -4.56
N ARG C 119 -0.71 -18.22 -4.35
CA ARG C 119 -1.44 -19.27 -3.65
C ARG C 119 -2.48 -19.87 -4.57
N PHE C 120 -2.52 -21.20 -4.65
CA PHE C 120 -3.51 -21.91 -5.44
C PHE C 120 -3.55 -23.36 -5.02
N THR C 121 -4.72 -23.84 -4.64
CA THR C 121 -4.95 -25.25 -4.37
C THR C 121 -6.06 -25.74 -5.30
N ALA C 122 -5.78 -26.83 -6.02
CA ALA C 122 -6.75 -27.35 -6.97
C ALA C 122 -7.74 -28.27 -6.26
N ASN C 123 -9.03 -27.98 -6.44
CA ASN C 123 -10.07 -28.78 -5.80
C ASN C 123 -10.12 -30.18 -6.39
N ASP C 124 -9.80 -30.31 -7.67
CA ASP C 124 -9.70 -31.58 -8.39
C ASP C 124 -11.07 -32.21 -8.61
N THR C 125 -12.11 -31.61 -8.05
CA THR C 125 -13.49 -31.96 -8.39
C THR C 125 -14.11 -30.92 -9.33
N LEU C 126 -13.32 -29.96 -9.81
CA LEU C 126 -13.83 -28.94 -10.69
C LEU C 126 -14.13 -29.54 -12.07
N PRO C 127 -15.35 -29.38 -12.57
CA PRO C 127 -15.66 -29.86 -13.92
C PRO C 127 -14.93 -29.04 -14.98
N GLU C 128 -14.68 -29.67 -16.12
CA GLU C 128 -14.03 -29.01 -17.24
C GLU C 128 -14.97 -27.98 -17.86
N ILE C 129 -14.40 -27.08 -18.65
CA ILE C 129 -15.15 -25.98 -19.23
C ILE C 129 -14.89 -25.88 -20.72
N GLN C 130 -15.91 -25.42 -21.44
CA GLN C 130 -15.71 -25.16 -22.88
C GLN C 130 -15.09 -23.77 -23.00
N ALA C 131 -13.85 -23.70 -23.46
CA ALA C 131 -13.18 -22.43 -23.64
C ALA C 131 -11.89 -22.64 -24.42
N ASP C 132 -11.24 -21.53 -24.77
CA ASP C 132 -9.97 -21.57 -25.49
C ASP C 132 -8.83 -21.32 -24.52
N PRO C 133 -7.87 -22.24 -24.39
CA PRO C 133 -6.77 -22.01 -23.43
C PRO C 133 -5.99 -20.73 -23.66
N ASP C 134 -5.72 -20.33 -24.88
CA ASP C 134 -4.87 -19.17 -25.14
C ASP C 134 -5.50 -17.89 -24.60
N ARG C 135 -6.83 -17.66 -24.94
CA ARG C 135 -7.48 -16.42 -24.53
C ARG C 135 -7.69 -16.38 -23.02
N LEU C 136 -8.02 -17.53 -22.43
CA LEU C 136 -8.15 -17.59 -20.97
C LEU C 136 -6.82 -17.34 -20.29
N THR C 137 -5.73 -17.89 -20.83
CA THR C 137 -4.41 -17.62 -20.29
C THR C 137 -4.06 -16.15 -20.38
N GLN C 138 -4.39 -15.51 -21.51
CA GLN C 138 -4.08 -14.09 -21.65
C GLN C 138 -4.90 -13.25 -20.67
N VAL C 139 -6.16 -13.63 -20.45
CA VAL C 139 -6.96 -12.98 -19.42
C VAL C 139 -6.31 -13.11 -18.06
N LEU C 140 -5.94 -14.34 -17.68
CA LEU C 140 -5.33 -14.57 -16.39
C LEU C 140 -4.01 -13.82 -16.26
N LEU C 141 -3.27 -13.70 -17.37
CA LEU C 141 -1.98 -13.02 -17.34
C LEU C 141 -2.17 -11.51 -17.14
N ASN C 142 -3.14 -10.91 -17.83
CA ASN C 142 -3.42 -9.51 -17.59
C ASN C 142 -3.85 -9.28 -16.15
N LEU C 143 -4.69 -10.18 -15.63
CA LEU C 143 -5.09 -10.12 -14.22
C LEU C 143 -3.87 -10.16 -13.31
N TYR C 144 -2.98 -11.11 -13.54
CA TYR C 144 -1.81 -11.29 -12.69
C TYR C 144 -0.88 -10.08 -12.76
N LEU C 145 -0.63 -9.57 -13.97
CA LEU C 145 0.27 -8.44 -14.12
C LEU C 145 -0.25 -7.21 -13.43
N ASN C 146 -1.55 -6.95 -13.56
CA ASN C 146 -2.13 -5.72 -12.96
C ASN C 146 -2.12 -5.89 -11.45
N ALA C 147 -2.40 -7.11 -10.98
CA ALA C 147 -2.32 -7.36 -9.55
C ALA C 147 -0.89 -7.20 -9.04
N ILE C 148 0.10 -7.53 -9.87
CA ILE C 148 1.49 -7.42 -9.46
C ILE C 148 1.89 -5.96 -9.31
N GLN C 149 1.51 -5.17 -10.30
CA GLN C 149 1.84 -3.73 -10.27
C GLN C 149 1.02 -3.09 -9.15
N ALA C 150 -0.12 -3.67 -8.81
CA ALA C 150 -0.89 -3.17 -7.68
C ALA C 150 -0.18 -3.46 -6.36
N ILE C 151 0.38 -4.67 -6.23
CA ILE C 151 1.06 -5.04 -4.99
C ILE C 151 2.34 -4.24 -4.82
N GLY C 152 3.13 -4.16 -5.88
CA GLY C 152 4.43 -3.49 -5.77
C GLY C 152 5.52 -4.50 -5.52
N GLN C 153 6.01 -4.59 -4.29
CA GLN C 153 7.16 -5.47 -3.99
C GLN C 153 6.89 -6.40 -2.81
N HIS C 154 5.77 -6.26 -2.11
CA HIS C 154 5.55 -7.26 -1.01
C HIS C 154 4.08 -7.63 -0.91
N GLY C 155 3.74 -8.88 -1.24
CA GLY C 155 2.31 -9.23 -1.24
C GLY C 155 2.02 -10.69 -1.49
N VAL C 156 0.74 -11.04 -1.41
CA VAL C 156 0.30 -12.41 -1.76
C VAL C 156 -0.83 -12.31 -2.77
N ILE C 157 -0.75 -13.05 -3.88
CA ILE C 157 -1.87 -13.11 -4.86
C ILE C 157 -2.47 -14.51 -4.70
N SER C 158 -3.77 -14.59 -4.47
CA SER C 158 -4.43 -15.90 -4.23
C SER C 158 -5.50 -16.15 -5.30
N VAL C 159 -5.45 -17.32 -5.93
CA VAL C 159 -6.44 -17.67 -6.99
C VAL C 159 -7.32 -18.79 -6.46
N THR C 160 -8.63 -18.60 -6.55
CA THR C 160 -9.59 -19.59 -6.06
C THR C 160 -10.41 -20.03 -7.26
N ALA C 161 -10.80 -21.31 -7.31
CA ALA C 161 -11.66 -21.78 -8.40
C ALA C 161 -12.66 -22.78 -7.87
N SER C 162 -13.94 -22.40 -7.87
CA SER C 162 -14.95 -23.29 -7.32
C SER C 162 -16.15 -23.32 -8.26
N GLU C 163 -17.09 -24.21 -7.96
CA GLU C 163 -18.27 -24.41 -8.80
C GLU C 163 -19.45 -23.61 -8.25
N SER C 164 -20.03 -22.77 -9.11
CA SER C 164 -21.21 -21.98 -8.77
C SER C 164 -22.32 -22.44 -9.71
N GLY C 165 -23.11 -23.41 -9.25
CA GLY C 165 -24.19 -23.94 -10.06
C GLY C 165 -23.67 -24.54 -11.36
N ALA C 166 -24.31 -24.16 -12.46
CA ALA C 166 -23.90 -24.63 -13.79
C ALA C 166 -22.66 -23.91 -14.30
N GLY C 167 -22.00 -23.10 -13.48
CA GLY C 167 -20.81 -22.43 -13.91
C GLY C 167 -19.67 -22.56 -12.92
N VAL C 168 -18.58 -21.86 -13.18
CA VAL C 168 -17.39 -21.90 -12.32
C VAL C 168 -16.95 -20.47 -12.05
N LYS C 169 -16.68 -20.19 -10.78
CA LYS C 169 -16.21 -18.89 -10.33
C LYS C 169 -14.72 -18.97 -10.01
N ILE C 170 -13.95 -18.06 -10.60
CA ILE C 170 -12.53 -17.96 -10.40
C ILE C 170 -12.25 -16.58 -9.78
N SER C 171 -11.61 -16.58 -8.63
CA SER C 171 -11.37 -15.36 -7.87
C SER C 171 -9.86 -15.10 -7.81
N VAL C 172 -9.47 -13.88 -8.16
CA VAL C 172 -8.10 -13.42 -8.07
C VAL C 172 -8.07 -12.32 -7.02
N THR C 173 -7.50 -12.62 -5.85
CA THR C 173 -7.41 -11.65 -4.72
C THR C 173 -5.98 -11.16 -4.55
N ASP C 174 -5.78 -9.85 -4.54
CA ASP C 174 -4.45 -9.25 -4.36
C ASP C 174 -4.43 -8.37 -3.10
N SER C 175 -3.23 -8.06 -2.60
CA SER C 175 -3.07 -7.26 -1.36
C SER C 175 -2.46 -5.93 -1.76
N GLY C 176 -2.76 -5.47 -2.97
CA GLY C 176 -2.15 -4.23 -3.47
C GLY C 176 -2.79 -2.94 -3.00
N LYS C 177 -2.51 -1.84 -3.71
CA LYS C 177 -2.95 -0.49 -3.26
C LYS C 177 -4.46 -0.33 -3.25
N GLY C 178 -5.19 -1.20 -3.91
CA GLY C 178 -6.65 -1.00 -3.96
C GLY C 178 -7.03 -0.04 -5.06
N ILE C 179 -8.33 0.12 -5.28
CA ILE C 179 -8.81 0.97 -6.39
C ILE C 179 -9.91 1.88 -5.85
N ALA C 180 -9.84 3.18 -6.17
CA ALA C 180 -10.85 4.07 -5.63
C ALA C 180 -12.23 3.69 -6.13
N ALA C 181 -13.20 3.65 -5.21
CA ALA C 181 -14.55 3.25 -5.57
C ALA C 181 -15.17 4.20 -6.60
N ASP C 182 -14.82 5.48 -6.55
CA ASP C 182 -15.36 6.42 -7.53
C ASP C 182 -14.81 6.13 -8.93
N GLN C 183 -13.56 5.68 -8.99
CA GLN C 183 -12.94 5.36 -10.31
C GLN C 183 -13.03 3.85 -10.57
N LEU C 184 -13.88 3.14 -9.83
CA LEU C 184 -13.88 1.65 -9.99
C LEU C 184 -14.20 1.23 -11.43
N ASP C 185 -15.37 1.58 -11.97
CA ASP C 185 -15.78 1.03 -13.28
C ASP C 185 -14.88 1.48 -14.44
N ALA C 186 -14.19 2.60 -14.31
CA ALA C 186 -13.40 3.08 -15.47
C ALA C 186 -12.27 2.09 -15.74
N ILE C 187 -12.03 1.20 -14.81
CA ILE C 187 -10.87 0.28 -14.92
C ILE C 187 -10.90 -0.56 -16.19
N PHE C 188 -12.03 -0.78 -16.86
CA PHE C 188 -12.07 -1.50 -18.13
C PHE C 188 -12.05 -0.57 -19.34
N THR C 189 -12.18 0.74 -19.15
CA THR C 189 -12.20 1.66 -20.28
C THR C 189 -10.87 1.60 -21.02
N PRO C 190 -10.89 1.42 -22.34
CA PRO C 190 -9.64 1.39 -23.10
C PRO C 190 -8.85 2.68 -22.94
N TYR C 191 -7.52 2.54 -22.95
CA TYR C 191 -6.58 3.65 -22.88
C TYR C 191 -6.73 4.43 -21.57
N PHE C 192 -7.11 3.74 -20.50
CA PHE C 192 -7.18 4.31 -19.17
C PHE C 192 -6.13 3.65 -18.30
N THR C 193 -5.26 4.45 -17.68
CA THR C 193 -4.19 3.92 -16.86
C THR C 193 -3.83 4.92 -15.77
N THR C 194 -3.88 4.46 -14.52
CA THR C 194 -3.33 5.27 -13.44
C THR C 194 -1.81 5.30 -13.51
N LYS C 195 -1.21 4.22 -14.03
CA LYS C 195 0.26 4.13 -14.16
C LYS C 195 0.72 5.10 -15.27
N ALA C 196 1.71 5.94 -14.97
CA ALA C 196 2.18 6.93 -15.93
C ALA C 196 2.76 6.29 -17.19
N GLU C 197 3.16 5.02 -17.12
CA GLU C 197 3.66 4.29 -18.29
C GLU C 197 2.93 2.94 -18.30
N GLY C 198 1.78 2.91 -18.95
CA GLY C 198 0.97 1.72 -19.00
C GLY C 198 0.13 1.68 -20.26
N THR C 199 -0.22 0.46 -20.67
CA THR C 199 -0.98 0.29 -21.91
C THR C 199 -2.39 0.87 -21.79
N GLY C 200 -3.11 0.48 -20.74
CA GLY C 200 -4.50 0.86 -20.61
C GLY C 200 -5.47 -0.12 -21.23
N LEU C 201 -4.98 -1.17 -21.89
CA LEU C 201 -5.82 -2.07 -22.67
C LEU C 201 -5.81 -3.48 -22.11
N GLY C 202 -5.61 -3.62 -20.80
CA GLY C 202 -5.61 -4.94 -20.19
C GLY C 202 -6.99 -5.43 -19.82
N LEU C 203 -7.70 -4.67 -18.99
CA LEU C 203 -9.06 -5.04 -18.64
C LEU C 203 -9.99 -4.96 -19.84
N ALA C 204 -9.68 -4.12 -20.82
CA ALA C 204 -10.47 -4.13 -22.06
C ALA C 204 -10.42 -5.50 -22.73
N VAL C 205 -9.20 -6.05 -22.87
CA VAL C 205 -9.04 -7.38 -23.44
C VAL C 205 -9.72 -8.43 -22.55
N VAL C 206 -9.53 -8.31 -21.24
CA VAL C 206 -10.12 -9.29 -20.32
C VAL C 206 -11.64 -9.31 -20.44
N HIS C 207 -12.26 -8.13 -20.47
CA HIS C 207 -13.70 -8.03 -20.59
C HIS C 207 -14.18 -8.54 -21.94
N ASN C 208 -13.48 -8.19 -23.01
CA ASN C 208 -13.83 -8.73 -24.33
C ASN C 208 -13.86 -10.25 -24.30
N ILE C 209 -12.79 -10.87 -23.78
CA ILE C 209 -12.67 -12.32 -23.83
C ILE C 209 -13.68 -12.97 -22.90
N VAL C 210 -13.97 -12.36 -21.76
CA VAL C 210 -14.93 -12.95 -20.83
C VAL C 210 -16.36 -12.79 -21.34
N GLU C 211 -16.63 -11.75 -22.13
CA GLU C 211 -17.94 -11.62 -22.74
C GLU C 211 -18.11 -12.61 -23.89
N GLN C 212 -17.06 -12.79 -24.68
CA GLN C 212 -17.11 -13.76 -25.78
C GLN C 212 -17.36 -15.18 -25.26
N HIS C 213 -17.02 -15.46 -24.01
CA HIS C 213 -17.30 -16.76 -23.40
C HIS C 213 -18.69 -16.82 -22.78
N GLY C 214 -19.45 -15.74 -22.81
CA GLY C 214 -20.71 -15.70 -22.11
C GLY C 214 -20.55 -15.77 -20.60
N GLY C 215 -19.59 -15.01 -20.06
CA GLY C 215 -19.31 -15.04 -18.65
C GLY C 215 -19.41 -13.63 -18.05
N THR C 216 -19.38 -13.60 -16.72
CA THR C 216 -19.58 -12.37 -15.97
C THR C 216 -18.32 -11.99 -15.22
N ILE C 217 -18.19 -10.69 -14.95
CA ILE C 217 -17.08 -10.14 -14.21
C ILE C 217 -17.61 -9.49 -12.93
N GLN C 218 -16.73 -9.33 -11.95
CA GLN C 218 -17.09 -8.73 -10.68
C GLN C 218 -15.84 -8.13 -10.05
N VAL C 219 -15.99 -6.93 -9.49
CA VAL C 219 -14.89 -6.21 -8.86
C VAL C 219 -15.26 -5.92 -7.42
N ALA C 220 -14.30 -6.15 -6.51
CA ALA C 220 -14.51 -5.80 -5.11
C ALA C 220 -13.16 -5.37 -4.54
N SER C 221 -12.91 -4.07 -4.51
CA SER C 221 -11.66 -3.52 -4.05
C SER C 221 -11.86 -2.70 -2.78
N GLN C 222 -10.75 -2.48 -2.07
CA GLN C 222 -10.73 -1.65 -0.87
C GLN C 222 -9.35 -1.02 -0.81
N GLU C 223 -9.29 0.29 -1.03
CA GLU C 223 -8.02 0.99 -1.19
C GLU C 223 -7.13 0.79 0.03
N GLY C 224 -5.86 0.46 -0.24
CA GLY C 224 -4.91 0.19 0.83
C GLY C 224 -4.95 -1.25 1.32
N LYS C 225 -6.10 -1.90 1.19
CA LYS C 225 -6.24 -3.28 1.64
C LYS C 225 -6.00 -4.28 0.51
N GLY C 226 -6.66 -4.10 -0.62
CA GLY C 226 -6.46 -4.99 -1.74
C GLY C 226 -7.63 -4.95 -2.70
N SER C 227 -7.80 -6.05 -3.44
CA SER C 227 -8.85 -6.12 -4.44
C SER C 227 -9.08 -7.57 -4.83
N THR C 228 -10.31 -7.86 -5.26
CA THR C 228 -10.70 -9.19 -5.74
C THR C 228 -11.45 -9.04 -7.05
N PHE C 229 -10.95 -9.71 -8.08
CA PHE C 229 -11.62 -9.81 -9.37
C PHE C 229 -12.18 -11.22 -9.51
N THR C 230 -13.49 -11.32 -9.64
CA THR C 230 -14.18 -12.60 -9.75
C THR C 230 -14.76 -12.75 -11.14
N LEU C 231 -14.49 -13.89 -11.76
CA LEU C 231 -14.99 -14.19 -13.10
C LEU C 231 -15.84 -15.45 -13.04
N TRP C 232 -17.00 -15.42 -13.68
CA TRP C 232 -17.86 -16.60 -13.76
C TRP C 232 -17.93 -17.03 -15.23
N LEU C 233 -17.62 -18.31 -15.47
CA LEU C 233 -17.66 -18.87 -16.81
C LEU C 233 -18.48 -20.14 -16.82
N PRO C 234 -19.28 -20.37 -17.85
CA PRO C 234 -20.14 -21.55 -17.89
C PRO C 234 -19.40 -22.79 -18.38
N VAL C 235 -19.92 -23.95 -18.02
CA VAL C 235 -19.35 -25.23 -18.54
C VAL C 235 -19.70 -25.32 -20.02
N ASN C 236 -20.98 -25.14 -20.35
CA ASN C 236 -21.41 -25.15 -21.76
C ASN C 236 -21.62 -23.71 -22.18
N ILE C 237 -20.96 -23.29 -23.27
CA ILE C 237 -21.14 -21.92 -23.83
C ILE C 237 -22.64 -21.76 -24.12
N THR C 238 -23.34 -22.87 -24.26
CA THR C 238 -24.79 -22.84 -24.60
C THR C 238 -25.61 -23.35 -23.42
N MET D 2 -36.17 12.64 -52.08
CA MET D 2 -35.67 11.99 -50.85
C MET D 2 -35.83 10.46 -50.92
N ALA D 3 -34.78 9.71 -50.57
CA ALA D 3 -34.85 8.24 -50.58
C ALA D 3 -34.25 7.67 -49.29
N TYR D 4 -34.99 6.85 -48.54
CA TYR D 4 -34.50 6.34 -47.27
C TYR D 4 -34.78 4.84 -47.17
N LEU D 5 -34.22 4.19 -46.15
CA LEU D 5 -34.29 2.69 -46.04
C LEU D 5 -35.71 2.17 -45.90
N ARG D 6 -36.39 2.49 -44.81
CA ARG D 6 -37.76 1.96 -44.56
C ARG D 6 -37.66 0.54 -44.02
N SER D 7 -36.44 0.06 -43.77
CA SER D 7 -36.31 -1.28 -43.14
C SER D 7 -35.82 -1.12 -41.70
N ARG D 8 -36.46 -1.80 -40.77
CA ARG D 8 -36.01 -1.75 -39.38
C ARG D 8 -34.74 -2.55 -39.17
N GLN D 9 -34.76 -3.83 -39.54
CA GLN D 9 -33.61 -4.70 -39.30
C GLN D 9 -32.38 -4.19 -40.05
N LEU D 10 -32.59 -3.64 -41.23
CA LEU D 10 -31.45 -3.20 -42.06
C LEU D 10 -30.80 -2.00 -41.39
N LEU D 11 -31.58 -1.25 -40.62
CA LEU D 11 -31.05 -0.06 -39.95
C LEU D 11 -30.36 -0.52 -38.67
N GLN D 12 -30.96 -1.47 -37.97
CA GLN D 12 -30.26 -2.05 -36.81
C GLN D 12 -28.88 -2.58 -37.21
N ASP D 13 -28.81 -3.26 -38.36
CA ASP D 13 -27.54 -3.77 -38.84
C ASP D 13 -26.57 -2.63 -39.14
N GLU D 14 -27.05 -1.57 -39.78
CA GLU D 14 -26.19 -0.44 -40.09
C GLU D 14 -25.73 0.26 -38.82
N MET D 15 -26.58 0.31 -37.79
CA MET D 15 -26.16 0.91 -36.53
C MET D 15 -25.10 0.05 -35.84
N LYS D 16 -25.24 -1.27 -35.90
CA LYS D 16 -24.21 -2.15 -35.36
C LYS D 16 -22.89 -1.94 -36.09
N ARG D 17 -22.97 -1.78 -37.40
CA ARG D 17 -21.75 -1.55 -38.21
C ARG D 17 -21.13 -0.22 -37.79
N LYS D 18 -21.95 0.81 -37.63
CA LYS D 18 -21.44 2.11 -37.22
C LYS D 18 -20.81 2.08 -35.85
N GLU D 19 -21.40 1.30 -34.92
CA GLU D 19 -20.80 1.16 -33.59
C GLU D 19 -19.44 0.48 -33.67
N LYS D 20 -19.35 -0.57 -34.48
CA LYS D 20 -18.05 -1.23 -34.66
C LYS D 20 -17.03 -0.27 -35.26
N LEU D 21 -17.45 0.54 -36.24
CA LEU D 21 -16.55 1.50 -36.85
C LEU D 21 -16.10 2.55 -35.83
N VAL D 22 -17.00 3.01 -34.98
CA VAL D 22 -16.64 4.01 -33.98
C VAL D 22 -15.66 3.43 -32.98
N ALA D 23 -15.90 2.19 -32.59
CA ALA D 23 -14.97 1.52 -31.67
C ALA D 23 -13.60 1.45 -32.31
N LEU D 24 -13.48 0.89 -33.53
CA LEU D 24 -12.16 0.71 -34.23
C LEU D 24 -11.43 2.06 -34.33
N GLY D 25 -12.15 3.14 -34.58
CA GLY D 25 -11.53 4.47 -34.73
C GLY D 25 -11.08 4.99 -33.39
N HIS D 26 -11.86 4.75 -32.34
CA HIS D 26 -11.40 5.12 -31.01
C HIS D 26 -10.11 4.39 -30.65
N LEU D 27 -10.06 3.07 -30.90
CA LEU D 27 -8.84 2.33 -30.65
C LEU D 27 -7.69 2.85 -31.50
N ALA D 28 -7.95 3.16 -32.77
CA ALA D 28 -6.90 3.65 -33.64
C ALA D 28 -6.36 4.99 -33.18
N ALA D 29 -7.25 5.91 -32.81
CA ALA D 29 -6.80 7.20 -32.30
C ALA D 29 -6.01 7.03 -31.02
N GLY D 30 -6.45 6.13 -30.14
CA GLY D 30 -5.72 5.87 -28.92
C GLY D 30 -4.31 5.37 -29.17
N VAL D 31 -4.18 4.39 -30.08
CA VAL D 31 -2.86 3.84 -30.35
C VAL D 31 -1.98 4.87 -31.05
N ALA D 32 -2.56 5.71 -31.90
CA ALA D 32 -1.78 6.77 -32.54
C ALA D 32 -1.26 7.77 -31.51
N HIS D 33 -2.12 8.14 -30.56
CA HIS D 33 -1.69 9.04 -29.49
C HIS D 33 -0.61 8.38 -28.65
N GLU D 34 -0.72 7.07 -28.40
CA GLU D 34 0.29 6.36 -27.62
C GLU D 34 1.62 6.32 -28.33
N ILE D 35 1.65 6.23 -29.65
CA ILE D 35 2.94 5.98 -30.32
C ILE D 35 3.70 7.22 -30.76
N ARG D 36 3.03 8.33 -31.00
CA ARG D 36 3.75 9.46 -31.64
C ARG D 36 4.97 9.96 -30.89
N ASN D 37 4.81 10.24 -29.60
CA ASN D 37 5.94 10.78 -28.82
C ASN D 37 7.06 9.74 -28.73
N PRO D 38 6.78 8.46 -28.42
CA PRO D 38 7.85 7.50 -28.40
C PRO D 38 8.56 7.40 -29.74
N LEU D 39 7.82 7.40 -30.84
CA LEU D 39 8.48 7.19 -32.14
C LEU D 39 9.39 8.37 -32.44
N SER D 40 8.90 9.57 -32.18
CA SER D 40 9.73 10.74 -32.53
C SER D 40 10.97 10.72 -31.64
N SER D 41 10.82 10.23 -30.41
CA SER D 41 12.02 10.08 -29.55
C SER D 41 12.97 9.04 -30.16
N ILE D 42 12.48 7.85 -30.52
CA ILE D 42 13.36 6.84 -31.08
C ILE D 42 14.07 7.39 -32.30
N LYS D 43 13.37 8.16 -33.13
CA LYS D 43 14.01 8.79 -34.28
C LYS D 43 15.12 9.74 -33.86
N GLY D 44 14.87 10.54 -32.82
CA GLY D 44 15.90 11.45 -32.35
C GLY D 44 17.12 10.72 -31.82
N LEU D 45 16.89 9.67 -31.02
CA LEU D 45 18.01 8.91 -30.49
C LEU D 45 18.78 8.19 -31.60
N ALA D 46 18.08 7.68 -32.59
CA ALA D 46 18.75 7.06 -33.72
C ALA D 46 19.61 8.06 -34.47
N LYS D 47 19.11 9.27 -34.68
CA LYS D 47 19.93 10.30 -35.29
C LYS D 47 21.14 10.65 -34.43
N TYR D 48 20.96 10.63 -33.11
CA TYR D 48 22.08 10.91 -32.21
C TYR D 48 23.17 9.85 -32.36
N PHE D 49 22.80 8.57 -32.28
CA PHE D 49 23.79 7.52 -32.46
C PHE D 49 24.40 7.54 -33.86
N ALA D 50 23.63 7.92 -34.87
CA ALA D 50 24.18 8.03 -36.21
C ALA D 50 25.22 9.13 -36.29
N GLU D 51 24.97 10.25 -35.62
CA GLU D 51 25.96 11.32 -35.55
C GLU D 51 27.18 10.90 -34.73
N ARG D 52 27.03 9.94 -33.82
CA ARG D 52 28.17 9.57 -32.95
C ARG D 52 28.91 8.35 -33.54
N ALA D 53 28.19 7.37 -34.08
CA ALA D 53 28.85 6.18 -34.58
C ALA D 53 29.69 6.49 -35.82
N PRO D 54 30.69 5.66 -36.12
CA PRO D 54 31.49 5.88 -37.33
C PRO D 54 30.64 5.74 -38.59
N ALA D 55 30.88 6.64 -39.54
CA ALA D 55 30.06 6.70 -40.74
C ALA D 55 30.29 5.47 -41.62
N GLY D 56 29.21 4.98 -42.22
CA GLY D 56 29.28 3.88 -43.16
C GLY D 56 29.42 2.51 -42.54
N GLY D 57 29.26 2.45 -41.21
CA GLY D 57 29.49 1.20 -40.47
C GLY D 57 28.29 0.62 -39.77
N GLU D 58 28.52 -0.39 -38.91
CA GLU D 58 27.38 -1.15 -38.36
C GLU D 58 26.40 -0.29 -37.60
N ALA D 59 26.87 0.48 -36.63
CA ALA D 59 25.89 1.22 -35.82
C ALA D 59 25.17 2.27 -36.67
N HIS D 60 25.90 2.95 -37.56
CA HIS D 60 25.27 4.04 -38.34
C HIS D 60 24.17 3.42 -39.19
N GLN D 61 24.48 2.30 -39.83
CA GLN D 61 23.50 1.70 -40.73
C GLN D 61 22.31 1.25 -39.91
N LEU D 62 22.56 0.65 -38.76
CA LEU D 62 21.42 0.11 -37.99
C LEU D 62 20.54 1.26 -37.50
N ALA D 63 21.14 2.37 -37.12
CA ALA D 63 20.39 3.54 -36.65
C ALA D 63 19.54 4.11 -37.79
N GLN D 64 20.12 4.17 -38.99
CA GLN D 64 19.34 4.65 -40.15
C GLN D 64 18.16 3.70 -40.37
N VAL D 65 18.39 2.40 -40.21
CA VAL D 65 17.30 1.41 -40.40
C VAL D 65 16.24 1.64 -39.33
N MET D 66 16.64 1.92 -38.11
CA MET D 66 15.68 2.15 -37.00
C MET D 66 14.84 3.38 -37.31
N ALA D 67 15.46 4.41 -37.85
CA ALA D 67 14.70 5.61 -38.22
C ALA D 67 13.68 5.26 -39.29
N LYS D 68 14.12 4.55 -40.31
CA LYS D 68 13.21 4.23 -41.42
C LYS D 68 12.05 3.37 -40.92
N GLU D 69 12.30 2.47 -39.98
CA GLU D 69 11.24 1.55 -39.52
C GLU D 69 10.19 2.28 -38.70
N ALA D 70 10.58 3.31 -37.95
CA ALA D 70 9.56 3.96 -37.11
C ALA D 70 8.71 4.83 -38.03
N ASP D 71 9.35 5.37 -39.06
CA ASP D 71 8.59 6.16 -40.06
C ASP D 71 7.56 5.23 -40.71
N ARG D 72 7.93 4.00 -41.00
CA ARG D 72 7.02 3.04 -41.66
C ARG D 72 5.94 2.64 -40.67
N LEU D 73 6.26 2.53 -39.39
CA LEU D 73 5.18 2.25 -38.41
C LEU D 73 4.19 3.42 -38.37
N ASN D 74 4.69 4.65 -38.43
CA ASN D 74 3.74 5.79 -38.49
C ASN D 74 2.92 5.68 -39.78
N ARG D 75 3.54 5.34 -40.90
CA ARG D 75 2.79 5.26 -42.17
C ARG D 75 1.67 4.24 -42.00
N VAL D 76 1.96 3.13 -41.38
CA VAL D 76 0.95 2.05 -41.29
C VAL D 76 -0.16 2.50 -40.36
N VAL D 77 0.19 3.16 -39.27
CA VAL D 77 -0.86 3.57 -38.29
C VAL D 77 -1.76 4.59 -38.97
N SER D 78 -1.16 5.49 -39.73
CA SER D 78 -1.95 6.55 -40.41
C SER D 78 -2.90 5.88 -41.39
N GLU D 79 -2.45 4.81 -42.02
CA GLU D 79 -3.32 4.06 -42.96
C GLU D 79 -4.46 3.38 -42.22
N LEU D 80 -4.20 2.80 -41.08
CA LEU D 80 -5.30 2.17 -40.30
C LEU D 80 -6.30 3.26 -39.95
N LEU D 81 -5.81 4.43 -39.57
CA LEU D 81 -6.72 5.51 -39.16
C LEU D 81 -7.60 5.92 -40.35
N GLU D 82 -7.03 6.17 -41.52
CA GLU D 82 -7.85 6.51 -42.72
C GLU D 82 -8.84 5.40 -43.04
N LEU D 83 -8.41 4.15 -42.93
CA LEU D 83 -9.29 3.04 -43.29
C LEU D 83 -10.50 3.04 -42.38
N VAL D 84 -10.28 3.32 -41.11
CA VAL D 84 -11.44 3.21 -40.20
C VAL D 84 -12.26 4.50 -40.27
N LYS D 85 -11.78 5.47 -41.04
CA LYS D 85 -12.60 6.67 -41.17
C LYS D 85 -13.92 6.33 -41.84
N PRO D 86 -15.03 6.92 -41.40
CA PRO D 86 -16.30 6.70 -42.11
C PRO D 86 -16.32 7.42 -43.45
N THR D 87 -17.15 6.89 -44.34
CA THR D 87 -17.21 7.38 -45.70
C THR D 87 -17.97 8.71 -45.78
N HIS D 88 -17.72 9.44 -46.87
CA HIS D 88 -18.41 10.71 -47.12
C HIS D 88 -19.91 10.45 -47.20
N LEU D 89 -20.71 11.38 -46.69
CA LEU D 89 -22.17 11.20 -46.64
C LEU D 89 -22.84 11.49 -47.99
N ALA D 90 -23.95 10.81 -48.26
CA ALA D 90 -24.73 11.03 -49.48
C ALA D 90 -25.67 12.20 -49.24
N LEU D 91 -25.36 13.37 -49.78
CA LEU D 91 -26.13 14.57 -49.47
C LEU D 91 -27.35 14.64 -50.37
N GLN D 92 -28.48 14.40 -49.75
CA GLN D 92 -29.74 14.47 -50.48
C GLN D 92 -30.55 15.61 -49.89
N ALA D 93 -31.59 16.03 -50.60
CA ALA D 93 -32.49 17.05 -50.09
C ALA D 93 -33.57 16.36 -49.26
N VAL D 94 -33.70 16.76 -48.00
CA VAL D 94 -34.57 16.08 -47.05
C VAL D 94 -35.56 17.07 -46.46
N ASP D 95 -36.73 16.51 -46.13
CA ASP D 95 -37.78 17.26 -45.41
C ASP D 95 -37.86 16.55 -44.07
N LEU D 96 -37.54 17.24 -42.99
CA LEU D 96 -37.41 16.57 -41.67
C LEU D 96 -38.71 15.95 -41.19
N ASN D 97 -39.84 16.58 -41.45
CA ASN D 97 -41.10 16.06 -40.86
C ASN D 97 -41.25 14.58 -41.20
N THR D 98 -41.23 14.25 -42.50
CA THR D 98 -41.39 12.84 -42.92
C THR D 98 -40.33 12.00 -42.23
N LEU D 99 -39.10 12.51 -42.16
CA LEU D 99 -38.00 11.72 -41.56
C LEU D 99 -38.34 11.45 -40.10
N ILE D 100 -38.72 12.48 -39.36
CA ILE D 100 -38.97 12.30 -37.91
C ILE D 100 -40.22 11.44 -37.73
N ASN D 101 -41.16 11.52 -38.66
CA ASN D 101 -42.36 10.66 -38.58
C ASN D 101 -41.95 9.20 -38.78
N HIS D 102 -41.28 8.88 -39.88
CA HIS D 102 -40.78 7.54 -40.13
C HIS D 102 -39.99 7.00 -38.94
N SER D 103 -39.16 7.86 -38.33
CA SER D 103 -38.38 7.45 -37.17
C SER D 103 -39.27 6.93 -36.07
N LEU D 104 -40.27 7.72 -35.71
CA LEU D 104 -41.10 7.33 -34.56
C LEU D 104 -41.93 6.14 -34.98
N GLN D 105 -42.21 6.02 -36.27
CA GLN D 105 -42.96 4.85 -36.75
C GLN D 105 -42.10 3.61 -36.48
N LEU D 106 -40.79 3.73 -36.67
CA LEU D 106 -39.91 2.55 -36.54
C LEU D 106 -39.90 2.01 -35.11
N VAL D 107 -40.23 2.84 -34.13
CA VAL D 107 -40.15 2.39 -32.74
C VAL D 107 -41.53 2.44 -32.08
N SER D 108 -42.57 2.65 -32.88
CA SER D 108 -43.93 2.63 -32.36
C SER D 108 -44.24 1.34 -31.60
N GLN D 109 -43.69 0.23 -32.10
CA GLN D 109 -43.97 -1.08 -31.45
C GLN D 109 -43.41 -1.05 -30.04
N ASP D 110 -42.16 -0.63 -29.89
CA ASP D 110 -41.52 -0.57 -28.58
C ASP D 110 -42.24 0.40 -27.67
N ALA D 111 -42.64 1.56 -28.20
CA ALA D 111 -43.31 2.57 -27.38
C ALA D 111 -44.65 2.04 -26.88
N ASN D 112 -45.41 1.37 -27.74
CA ASN D 112 -46.69 0.81 -27.33
C ASN D 112 -46.52 -0.43 -26.45
N SER D 113 -45.35 -1.06 -26.47
CA SER D 113 -45.11 -2.22 -25.63
C SER D 113 -44.92 -1.83 -24.17
N ARG D 114 -44.35 -0.66 -23.91
CA ARG D 114 -43.97 -0.26 -22.56
C ARG D 114 -44.71 0.99 -22.10
N GLU D 115 -45.90 1.25 -22.64
CA GLU D 115 -46.71 2.42 -22.29
C GLU D 115 -45.87 3.69 -22.40
N ILE D 116 -45.40 4.00 -23.60
CA ILE D 116 -44.67 5.24 -23.86
C ILE D 116 -45.39 6.00 -24.95
N GLN D 117 -45.78 7.23 -24.65
CA GLN D 117 -46.41 8.10 -25.64
C GLN D 117 -45.33 8.75 -26.49
N LEU D 118 -45.64 8.95 -27.76
CA LEU D 118 -44.74 9.62 -28.69
C LEU D 118 -45.44 10.83 -29.27
N ARG D 119 -44.82 12.00 -29.12
CA ARG D 119 -45.42 13.27 -29.51
C ARG D 119 -44.53 13.95 -30.54
N PHE D 120 -45.13 14.34 -31.66
CA PHE D 120 -44.46 15.16 -32.65
C PHE D 120 -45.51 15.85 -33.51
N THR D 121 -45.26 17.11 -33.83
CA THR D 121 -46.18 17.91 -34.64
C THR D 121 -45.39 18.60 -35.74
N ALA D 122 -45.84 18.43 -36.97
CA ALA D 122 -45.12 18.96 -38.11
C ALA D 122 -45.24 20.48 -38.18
N ASN D 123 -44.09 21.16 -38.27
CA ASN D 123 -44.10 22.61 -38.40
C ASN D 123 -44.71 23.04 -39.73
N ASP D 124 -44.38 22.34 -40.81
CA ASP D 124 -44.78 22.61 -42.19
C ASP D 124 -44.13 23.88 -42.73
N THR D 125 -43.31 24.56 -41.93
CA THR D 125 -42.51 25.68 -42.41
C THR D 125 -41.02 25.38 -42.36
N LEU D 126 -40.65 24.15 -42.03
CA LEU D 126 -39.25 23.77 -41.97
C LEU D 126 -38.62 23.88 -43.35
N PRO D 127 -37.44 24.47 -43.48
CA PRO D 127 -36.73 24.42 -44.76
C PRO D 127 -36.05 23.07 -44.96
N GLU D 128 -36.00 22.64 -46.20
CA GLU D 128 -35.37 21.37 -46.54
C GLU D 128 -33.86 21.48 -46.37
N ILE D 129 -33.26 20.43 -45.80
CA ILE D 129 -31.82 20.42 -45.56
C ILE D 129 -31.14 19.44 -46.50
N GLN D 130 -29.89 19.78 -46.85
CA GLN D 130 -29.05 18.82 -47.59
C GLN D 130 -28.38 17.95 -46.52
N ALA D 131 -28.76 16.69 -46.43
CA ALA D 131 -28.29 15.80 -45.38
C ALA D 131 -28.48 14.36 -45.85
N ASP D 132 -28.18 13.42 -44.95
CA ASP D 132 -28.24 12.01 -45.25
C ASP D 132 -29.40 11.36 -44.51
N PRO D 133 -30.47 10.99 -45.20
CA PRO D 133 -31.65 10.45 -44.49
C PRO D 133 -31.36 9.23 -43.63
N ASP D 134 -30.51 8.33 -44.09
CA ASP D 134 -30.29 7.07 -43.37
C ASP D 134 -29.46 7.28 -42.11
N ARG D 135 -28.44 8.14 -42.17
CA ARG D 135 -27.62 8.38 -41.00
C ARG D 135 -28.39 9.17 -39.94
N LEU D 136 -29.18 10.16 -40.35
CA LEU D 136 -30.03 10.85 -39.39
C LEU D 136 -31.10 9.93 -38.83
N THR D 137 -31.57 9.00 -39.65
CA THR D 137 -32.52 8.01 -39.09
C THR D 137 -31.77 7.29 -37.98
N GLN D 138 -30.58 6.79 -38.27
CA GLN D 138 -29.83 6.05 -37.25
C GLN D 138 -29.64 6.88 -35.98
N VAL D 139 -29.37 8.18 -36.14
CA VAL D 139 -29.16 9.07 -35.02
C VAL D 139 -30.42 9.15 -34.17
N LEU D 140 -31.56 9.41 -34.82
CA LEU D 140 -32.82 9.51 -34.09
C LEU D 140 -33.21 8.16 -33.50
N LEU D 141 -32.89 7.07 -34.18
CA LEU D 141 -33.15 5.74 -33.65
C LEU D 141 -32.37 5.53 -32.36
N ASN D 142 -31.09 5.96 -32.35
CA ASN D 142 -30.30 5.85 -31.13
C ASN D 142 -30.91 6.70 -30.02
N LEU D 143 -31.35 7.92 -30.35
CA LEU D 143 -31.94 8.79 -29.35
C LEU D 143 -33.18 8.16 -28.74
N TYR D 144 -34.09 7.67 -29.58
CA TYR D 144 -35.32 7.08 -29.06
C TYR D 144 -35.06 5.77 -28.33
N LEU D 145 -34.07 4.99 -28.77
CA LEU D 145 -33.72 3.77 -28.06
C LEU D 145 -33.20 4.09 -26.66
N ASN D 146 -32.36 5.13 -26.55
CA ASN D 146 -31.88 5.54 -25.24
C ASN D 146 -33.02 6.05 -24.37
N ALA D 147 -33.93 6.81 -24.95
CA ALA D 147 -35.07 7.32 -24.19
C ALA D 147 -35.94 6.16 -23.68
N ILE D 148 -36.20 5.17 -24.54
CA ILE D 148 -37.01 4.03 -24.12
C ILE D 148 -36.29 3.19 -23.08
N GLN D 149 -34.97 3.08 -23.19
CA GLN D 149 -34.19 2.37 -22.19
C GLN D 149 -34.24 3.09 -20.85
N ALA D 150 -34.27 4.42 -20.88
CA ALA D 150 -34.35 5.20 -19.65
C ALA D 150 -35.65 4.90 -18.91
N ILE D 151 -36.78 5.25 -19.51
CA ILE D 151 -38.09 5.01 -18.92
C ILE D 151 -38.55 3.63 -19.43
N GLY D 152 -38.10 2.59 -18.74
CA GLY D 152 -38.44 1.22 -19.17
C GLY D 152 -39.93 1.08 -19.33
N GLN D 153 -40.68 1.91 -18.61
CA GLN D 153 -42.15 1.90 -18.74
C GLN D 153 -42.69 3.23 -18.22
N HIS D 154 -43.94 3.58 -18.54
CA HIS D 154 -44.58 4.79 -17.96
C HIS D 154 -43.81 6.10 -18.22
N GLY D 155 -43.75 6.55 -19.48
CA GLY D 155 -43.07 7.81 -19.80
C GLY D 155 -43.55 8.41 -21.11
N VAL D 156 -43.11 9.63 -21.44
CA VAL D 156 -43.50 10.29 -22.74
C VAL D 156 -42.25 10.80 -23.46
N ILE D 157 -42.09 10.47 -24.76
CA ILE D 157 -40.95 11.00 -25.57
C ILE D 157 -41.50 12.08 -26.50
N SER D 158 -40.99 13.30 -26.37
CA SER D 158 -41.54 14.42 -27.16
C SER D 158 -40.47 14.94 -28.12
N VAL D 159 -40.80 15.02 -29.40
CA VAL D 159 -39.81 15.49 -30.40
C VAL D 159 -40.38 16.73 -31.07
N THR D 160 -39.55 17.74 -31.25
CA THR D 160 -39.99 18.95 -31.98
C THR D 160 -38.91 19.35 -32.97
N ALA D 161 -39.31 20.02 -34.04
CA ALA D 161 -38.31 20.54 -35.00
C ALA D 161 -38.62 21.99 -35.30
N SER D 162 -37.60 22.82 -35.41
CA SER D 162 -37.84 24.27 -35.56
C SER D 162 -36.66 24.90 -36.30
N GLU D 163 -36.88 26.07 -36.90
CA GLU D 163 -35.80 26.76 -37.63
C GLU D 163 -34.87 27.40 -36.61
N SER D 164 -33.60 27.54 -36.97
CA SER D 164 -32.61 28.18 -36.10
C SER D 164 -31.80 29.19 -36.90
N GLY D 165 -32.43 29.83 -37.87
CA GLY D 165 -31.76 30.83 -38.69
C GLY D 165 -31.16 30.22 -39.94
N ALA D 166 -29.82 30.18 -39.99
CA ALA D 166 -29.12 29.55 -41.10
C ALA D 166 -29.24 28.03 -41.06
N GLY D 167 -29.92 27.52 -40.02
CA GLY D 167 -30.06 26.07 -39.90
C GLY D 167 -31.37 25.64 -39.28
N VAL D 168 -31.44 24.40 -38.81
CA VAL D 168 -32.67 23.85 -38.19
C VAL D 168 -32.21 23.15 -36.90
N LYS D 169 -33.07 23.06 -35.90
CA LYS D 169 -32.73 22.35 -34.66
C LYS D 169 -33.76 21.28 -34.37
N ILE D 170 -33.33 20.12 -33.90
CA ILE D 170 -34.27 19.03 -33.53
C ILE D 170 -34.08 18.76 -32.04
N SER D 171 -35.18 18.70 -31.29
CA SER D 171 -35.07 18.53 -29.82
C SER D 171 -35.82 17.27 -29.41
N VAL D 172 -35.18 16.40 -28.64
CA VAL D 172 -35.85 15.15 -28.18
C VAL D 172 -35.85 15.13 -26.65
N THR D 173 -37.03 14.98 -26.04
CA THR D 173 -37.14 15.08 -24.56
C THR D 173 -37.70 13.79 -23.97
N ASP D 174 -37.11 13.30 -22.88
CA ASP D 174 -37.55 12.01 -22.30
C ASP D 174 -37.88 12.13 -20.81
N SER D 175 -39.02 11.60 -20.37
CA SER D 175 -39.35 11.59 -18.92
C SER D 175 -38.93 10.25 -18.36
N GLY D 176 -37.85 10.22 -17.58
CA GLY D 176 -37.31 8.94 -17.08
C GLY D 176 -36.19 9.16 -16.09
N LYS D 177 -35.16 8.32 -16.13
CA LYS D 177 -34.14 8.43 -15.09
C LYS D 177 -33.36 9.73 -15.17
N GLY D 178 -33.06 10.21 -16.37
CA GLY D 178 -32.23 11.38 -16.53
C GLY D 178 -30.75 11.07 -16.30
N ILE D 179 -29.95 12.13 -16.35
CA ILE D 179 -28.51 12.01 -16.18
C ILE D 179 -28.10 12.79 -14.95
N ALA D 180 -27.00 12.36 -14.34
CA ALA D 180 -26.50 12.91 -13.08
C ALA D 180 -26.02 14.36 -13.20
N ALA D 181 -26.12 14.97 -14.38
CA ALA D 181 -25.79 16.37 -14.63
C ALA D 181 -24.31 16.69 -14.43
N ASP D 182 -23.50 15.69 -14.08
CA ASP D 182 -22.05 15.86 -14.01
C ASP D 182 -21.30 15.12 -15.08
N GLN D 183 -21.83 13.99 -15.56
CA GLN D 183 -21.20 13.15 -16.57
C GLN D 183 -21.56 13.57 -17.99
N LEU D 184 -22.27 14.69 -18.16
CA LEU D 184 -22.68 15.13 -19.48
C LEU D 184 -21.48 15.33 -20.41
N ASP D 185 -20.39 15.89 -19.88
CA ASP D 185 -19.21 16.12 -20.69
C ASP D 185 -18.62 14.81 -21.21
N ALA D 186 -18.79 13.72 -20.47
CA ALA D 186 -18.23 12.43 -20.86
C ALA D 186 -19.27 11.48 -21.41
N ILE D 187 -20.53 11.90 -21.50
CA ILE D 187 -21.58 11.02 -22.04
C ILE D 187 -21.43 10.79 -23.53
N PHE D 188 -20.65 11.63 -24.22
CA PHE D 188 -20.41 11.50 -25.64
C PHE D 188 -19.18 10.67 -25.96
N THR D 189 -18.54 10.08 -24.96
CA THR D 189 -17.30 9.37 -25.19
C THR D 189 -17.56 7.90 -25.53
N PRO D 190 -16.70 7.30 -26.34
CA PRO D 190 -16.87 5.88 -26.68
C PRO D 190 -16.79 4.99 -25.44
N TYR D 191 -17.55 3.90 -25.48
CA TYR D 191 -17.64 2.87 -24.45
C TYR D 191 -18.26 3.39 -23.16
N PHE D 192 -18.65 4.65 -23.08
CA PHE D 192 -19.23 5.21 -21.87
C PHE D 192 -20.70 4.78 -21.77
N THR D 193 -21.01 3.95 -20.78
CA THR D 193 -22.37 3.47 -20.60
C THR D 193 -22.63 3.24 -19.12
N THR D 194 -23.90 3.24 -18.76
CA THR D 194 -24.34 3.01 -17.39
C THR D 194 -25.02 1.65 -17.20
N LYS D 195 -25.77 1.19 -18.20
CA LYS D 195 -26.36 -0.14 -18.12
C LYS D 195 -25.26 -1.20 -18.12
N ALA D 196 -25.53 -2.30 -17.40
CA ALA D 196 -24.52 -3.34 -17.23
C ALA D 196 -24.13 -3.96 -18.58
N GLU D 197 -25.12 -4.39 -19.36
CA GLU D 197 -24.84 -5.02 -20.64
C GLU D 197 -24.85 -4.04 -21.81
N GLY D 198 -24.89 -2.76 -21.50
CA GLY D 198 -24.94 -1.74 -22.57
C GLY D 198 -23.61 -1.54 -23.28
N THR D 199 -23.61 -1.54 -24.63
CA THR D 199 -22.37 -1.20 -25.37
C THR D 199 -22.48 0.28 -25.69
N GLY D 200 -21.72 1.13 -24.99
CA GLY D 200 -21.92 2.58 -25.15
C GLY D 200 -21.17 3.20 -26.31
N LEU D 201 -21.51 2.83 -27.53
CA LEU D 201 -20.87 3.49 -28.70
C LEU D 201 -21.97 4.27 -29.44
N GLY D 202 -23.21 4.25 -28.95
CA GLY D 202 -24.33 4.89 -29.66
C GLY D 202 -24.26 6.40 -29.79
N LEU D 203 -23.94 7.11 -28.72
CA LEU D 203 -23.99 8.58 -28.87
C LEU D 203 -22.69 8.98 -29.57
N ALA D 204 -21.66 8.16 -29.45
CA ALA D 204 -20.45 8.39 -30.23
C ALA D 204 -20.76 8.39 -31.72
N VAL D 205 -21.58 7.45 -32.16
CA VAL D 205 -22.02 7.40 -33.54
C VAL D 205 -22.81 8.67 -33.88
N VAL D 206 -23.71 9.07 -32.98
CA VAL D 206 -24.51 10.28 -33.20
C VAL D 206 -23.60 11.50 -33.31
N HIS D 207 -22.59 11.59 -32.44
CA HIS D 207 -21.66 12.71 -32.48
C HIS D 207 -20.89 12.73 -33.80
N ASN D 208 -20.43 11.57 -34.25
CA ASN D 208 -19.68 11.52 -35.50
C ASN D 208 -20.55 11.93 -36.68
N ILE D 209 -21.79 11.44 -36.73
CA ILE D 209 -22.69 11.79 -37.82
C ILE D 209 -22.99 13.28 -37.81
N VAL D 210 -23.30 13.84 -36.62
CA VAL D 210 -23.63 15.26 -36.54
C VAL D 210 -22.43 16.11 -36.94
N GLU D 211 -21.24 15.75 -36.47
CA GLU D 211 -20.05 16.51 -36.85
C GLU D 211 -19.81 16.44 -38.34
N GLN D 212 -20.05 15.26 -38.94
CA GLN D 212 -19.91 15.12 -40.39
C GLN D 212 -20.87 16.05 -41.13
N HIS D 213 -22.10 16.17 -40.63
CA HIS D 213 -23.09 17.04 -41.25
C HIS D 213 -22.77 18.51 -41.05
N GLY D 214 -21.78 18.86 -40.23
CA GLY D 214 -21.49 20.25 -39.95
C GLY D 214 -22.33 20.86 -38.85
N GLY D 215 -23.17 20.06 -38.20
CA GLY D 215 -24.03 20.55 -37.15
C GLY D 215 -23.40 20.40 -35.78
N THR D 216 -24.20 20.62 -34.75
CA THR D 216 -23.77 20.55 -33.38
C THR D 216 -24.78 19.74 -32.58
N ILE D 217 -24.32 19.20 -31.44
CA ILE D 217 -25.26 18.49 -30.52
C ILE D 217 -24.98 18.97 -29.10
N GLN D 218 -26.02 19.40 -28.38
CA GLN D 218 -25.87 19.91 -26.99
C GLN D 218 -26.81 19.11 -26.07
N VAL D 219 -26.43 18.93 -24.81
CA VAL D 219 -27.34 18.24 -23.84
C VAL D 219 -27.46 19.09 -22.57
N ALA D 220 -28.69 19.40 -22.15
CA ALA D 220 -28.90 20.10 -20.86
C ALA D 220 -29.95 19.25 -20.15
N SER D 221 -29.70 18.79 -18.91
CA SER D 221 -30.65 17.83 -18.30
C SER D 221 -30.57 17.75 -16.77
N GLN D 222 -31.56 17.10 -16.16
CA GLN D 222 -31.57 16.84 -14.71
C GLN D 222 -32.34 15.56 -14.51
N GLU D 223 -32.16 14.88 -13.38
CA GLU D 223 -32.81 13.56 -13.18
C GLU D 223 -34.31 13.72 -12.99
N GLY D 224 -35.09 12.71 -13.35
CA GLY D 224 -36.55 12.72 -13.10
C GLY D 224 -37.37 13.61 -14.02
N LYS D 225 -36.92 14.85 -14.26
CA LYS D 225 -37.62 15.70 -15.24
C LYS D 225 -37.19 15.26 -16.64
N GLY D 226 -37.84 15.81 -17.66
CA GLY D 226 -37.50 15.44 -19.04
C GLY D 226 -36.09 15.86 -19.41
N SER D 227 -35.39 15.02 -20.16
CA SER D 227 -34.02 15.33 -20.62
C SER D 227 -34.11 15.77 -22.09
N THR D 228 -33.44 16.84 -22.48
CA THR D 228 -33.59 17.34 -23.87
C THR D 228 -32.27 17.20 -24.63
N PHE D 229 -32.28 16.48 -25.75
CA PHE D 229 -31.09 16.37 -26.60
C PHE D 229 -31.32 17.29 -27.79
N THR D 230 -30.37 18.17 -28.05
CA THR D 230 -30.61 19.18 -29.10
C THR D 230 -29.59 19.03 -30.19
N LEU D 231 -30.01 19.03 -31.44
CA LEU D 231 -28.97 19.06 -32.49
C LEU D 231 -29.39 20.08 -33.53
N TRP D 232 -28.46 20.87 -33.99
CA TRP D 232 -28.69 21.90 -35.03
C TRP D 232 -28.04 21.42 -36.32
N LEU D 233 -28.68 21.63 -37.47
CA LEU D 233 -28.13 21.10 -38.73
C LEU D 233 -28.10 22.20 -39.80
N PRO D 234 -26.99 22.42 -40.56
CA PRO D 234 -26.94 23.51 -41.51
C PRO D 234 -27.80 23.27 -42.75
N VAL D 235 -28.63 24.25 -43.13
CA VAL D 235 -29.53 24.03 -44.26
C VAL D 235 -28.71 23.73 -45.52
N ASN D 236 -27.50 24.25 -45.56
CA ASN D 236 -26.59 23.94 -46.69
C ASN D 236 -25.21 23.68 -46.10
N ILE D 237 -24.33 23.00 -46.84
CA ILE D 237 -22.97 22.63 -46.34
C ILE D 237 -21.95 22.96 -47.43
#